data_3DXW
#
_entry.id   3DXW
#
_cell.length_a   56.581
_cell.length_b   60.653
_cell.length_c   105.315
_cell.angle_alpha   90.00
_cell.angle_beta   103.07
_cell.angle_gamma   90.00
#
_symmetry.space_group_name_H-M   'P 1 21 1'
#
loop_
_entity.id
_entity.type
_entity.pdbx_description
1 polymer 'Alpha-amino-epsilon-caprolactam racemase'
2 non-polymer "PYRIDOXAL-5'-PHOSPHATE"
3 non-polymer azepan-2-one
4 water water
#
_entity_poly.entity_id   1
_entity_poly.type   'polypeptide(L)'
_entity_poly.pdbx_seq_one_letter_code
;HHHHHHSSGLVPRGSHMTKALYDRDGAAIGNLQKLRFFPLAISGGRGARLIEENGRELIDLSGAWGAASLGYGHPAIVAA
VSAAAANPAGATILSASNAPAVTLAERLLASFPGEGTHKIWFGHSGSDANEAAYRAIVKATGRSGVIAFAGAYHGCTVGS
MAFSGHSVQADAAKADGLILLPYPDPYRPYRNDPTGDAILTLLTEKLAAVPAGSIGAAFIEPIQSDGGLIVPPDGFLRKF
ADICRAHGILVVCDEVKVGLARSGRLHCFEHEGFVPDILVLGKGLGGGLPLSAVIAPAEILDCASAFAMQTLHGNPISAA
AGLAVLETIDRDDLPAMAERKGRLLRDGLSELAKRHPLIGDIRGRGLACGMELVCDRQSREPARAETAKLIYRAYQLGLV
VYYVGMNGNVLEFTPPLTITETDIHKALDLLDRAFSELSAVSNEEIAQFAGW
;
_entity_poly.pdbx_strand_id   A,B
#
# COMPACT_ATOMS: atom_id res chain seq x y z
N THR A 18 30.75 5.75 -9.58
CA THR A 18 29.98 4.73 -10.37
C THR A 18 30.16 3.31 -9.79
N LYS A 19 29.74 3.15 -8.54
CA LYS A 19 29.85 1.88 -7.80
C LYS A 19 28.97 0.78 -8.39
N ALA A 20 29.14 -0.44 -7.89
CA ALA A 20 28.25 -1.55 -8.26
C ALA A 20 26.82 -1.25 -7.79
N LEU A 21 25.83 -1.53 -8.64
CA LEU A 21 24.43 -1.26 -8.28
C LEU A 21 24.08 -1.93 -6.96
N TYR A 22 24.43 -3.21 -6.85
CA TYR A 22 24.13 -3.96 -5.65
C TYR A 22 24.81 -3.38 -4.40
N ASP A 23 26.01 -2.85 -4.57
CA ASP A 23 26.65 -2.19 -3.42
C ASP A 23 26.02 -0.84 -3.03
N ARG A 24 25.55 -0.10 -4.02
CA ARG A 24 24.78 1.13 -3.77
C ARG A 24 23.48 0.85 -2.98
N ASP A 25 22.85 -0.28 -3.30
CA ASP A 25 21.66 -0.80 -2.61
C ASP A 25 21.93 -0.99 -1.11
N GLY A 26 23.00 -1.74 -0.80
CA GLY A 26 23.43 -1.95 0.59
C GLY A 26 23.64 -0.69 1.43
N ALA A 27 24.03 0.40 0.77
CA ALA A 27 24.33 1.65 1.47
C ALA A 27 23.14 2.60 1.61
N ALA A 28 22.24 2.59 0.63
CA ALA A 28 21.06 3.48 0.67
C ALA A 28 19.82 2.82 1.33
N ILE A 29 19.56 1.56 0.96
CA ILE A 29 18.34 0.90 1.36
C ILE A 29 18.55 -0.06 2.50
N GLY A 30 17.81 0.15 3.58
CA GLY A 30 17.91 -0.65 4.80
C GLY A 30 17.51 -2.11 4.63
N ASN A 31 17.89 -2.93 5.62
CA ASN A 31 17.70 -4.37 5.52
C ASN A 31 16.30 -4.86 5.81
N LEU A 32 15.52 -3.99 6.45
CA LEU A 32 14.18 -4.31 6.95
C LEU A 32 13.26 -5.03 5.94
N GLN A 33 13.30 -4.60 4.68
CA GLN A 33 12.44 -5.19 3.64
C GLN A 33 13.19 -6.08 2.65
N LYS A 34 14.45 -6.39 2.95
CA LYS A 34 15.23 -7.18 2.03
C LYS A 34 14.97 -8.68 2.20
N LEU A 35 14.65 -9.30 1.08
CA LEU A 35 14.52 -10.75 1.01
C LEU A 35 15.51 -11.20 -0.05
N ARG A 36 16.79 -11.14 0.31
CA ARG A 36 17.83 -11.33 -0.69
C ARG A 36 18.48 -12.72 -0.60
N PHE A 37 18.61 -13.36 -1.76
CA PHE A 37 19.18 -14.71 -1.86
C PHE A 37 20.48 -14.73 -2.70
N PHE A 38 20.72 -13.62 -3.40
CA PHE A 38 21.86 -13.49 -4.30
C PHE A 38 21.92 -12.07 -4.84
N PRO A 39 23.10 -11.64 -5.37
CA PRO A 39 23.26 -10.22 -5.67
C PRO A 39 22.59 -9.75 -6.98
N LEU A 40 21.30 -10.03 -7.13
CA LEU A 40 20.55 -9.60 -8.31
C LEU A 40 20.32 -8.07 -8.27
N ALA A 41 20.74 -7.39 -9.33
CA ALA A 41 20.67 -5.93 -9.43
C ALA A 41 20.18 -5.57 -10.81
N ILE A 42 18.98 -5.02 -10.87
CA ILE A 42 18.23 -4.94 -12.12
C ILE A 42 18.20 -3.51 -12.64
N SER A 43 18.30 -3.36 -13.95
CA SER A 43 18.27 -2.06 -14.59
C SER A 43 17.21 -2.01 -15.68
N GLY A 44 16.68 -3.17 -16.07
CA GLY A 44 15.69 -3.21 -17.13
C GLY A 44 14.90 -4.51 -17.14
N GLY A 45 13.98 -4.60 -18.09
CA GLY A 45 13.13 -5.80 -18.28
C GLY A 45 12.48 -5.77 -19.64
N ARG A 46 12.33 -6.96 -20.24
CA ARG A 46 11.73 -7.12 -21.57
C ARG A 46 11.09 -8.50 -21.64
N GLY A 47 9.76 -8.54 -21.67
CA GLY A 47 9.02 -9.80 -21.60
C GLY A 47 9.27 -10.50 -20.27
N ALA A 48 9.70 -11.76 -20.33
CA ALA A 48 10.03 -12.55 -19.16
C ALA A 48 11.52 -12.48 -18.79
N ARG A 49 12.20 -11.43 -19.25
CA ARG A 49 13.63 -11.28 -18.99
C ARG A 49 13.95 -10.00 -18.25
N LEU A 50 14.63 -10.18 -17.13
CA LEU A 50 15.23 -9.08 -16.40
C LEU A 50 16.62 -8.82 -16.98
N ILE A 51 16.94 -7.54 -17.12
CA ILE A 51 18.26 -7.11 -17.57
C ILE A 51 19.07 -6.48 -16.43
N GLU A 52 20.10 -7.20 -15.97
CA GLU A 52 21.00 -6.70 -14.95
C GLU A 52 21.82 -5.50 -15.43
N GLU A 53 22.44 -4.79 -14.49
CA GLU A 53 23.29 -3.65 -14.81
C GLU A 53 24.29 -3.92 -15.97
N ASN A 54 24.85 -5.14 -16.02
CA ASN A 54 25.87 -5.48 -17.01
C ASN A 54 25.37 -5.97 -18.37
N GLY A 55 24.06 -6.02 -18.55
CA GLY A 55 23.46 -6.35 -19.85
C GLY A 55 23.19 -7.82 -20.09
N ARG A 56 23.50 -8.66 -19.09
CA ARG A 56 23.06 -10.06 -19.09
C ARG A 56 21.55 -10.14 -18.88
N GLU A 57 20.85 -10.83 -19.77
CA GLU A 57 19.43 -11.13 -19.58
C GLU A 57 19.26 -12.39 -18.74
N LEU A 58 18.39 -12.34 -17.75
CA LEU A 58 18.05 -13.57 -17.04
C LEU A 58 16.60 -13.91 -17.27
N ILE A 59 16.32 -15.20 -17.45
CA ILE A 59 14.95 -15.68 -17.52
C ILE A 59 14.34 -15.66 -16.12
N ASP A 60 13.29 -14.85 -15.97
CA ASP A 60 12.60 -14.68 -14.70
C ASP A 60 11.54 -15.76 -14.45
N LEU A 61 11.85 -16.74 -13.59
CA LEU A 61 10.86 -17.76 -13.23
C LEU A 61 10.03 -17.33 -12.02
N SER A 62 10.46 -16.25 -11.38
CA SER A 62 9.79 -15.67 -10.22
C SER A 62 8.63 -14.76 -10.60
N GLY A 63 8.77 -14.06 -11.73
CA GLY A 63 7.87 -12.99 -12.11
C GLY A 63 7.56 -12.01 -10.98
N ALA A 64 8.58 -11.63 -10.22
CA ALA A 64 8.44 -10.83 -8.99
C ALA A 64 7.39 -11.40 -8.02
N TRP A 65 7.60 -12.66 -7.61
CA TRP A 65 6.67 -13.39 -6.75
C TRP A 65 5.25 -13.52 -7.34
N GLY A 66 5.14 -13.38 -8.66
CA GLY A 66 3.84 -13.45 -9.34
C GLY A 66 3.20 -12.13 -9.76
N ALA A 67 3.78 -11.01 -9.34
CA ALA A 67 3.28 -9.68 -9.70
C ALA A 67 3.41 -9.33 -11.19
N ALA A 68 4.50 -9.73 -11.82
CA ALA A 68 4.74 -9.41 -13.22
C ALA A 68 3.98 -10.34 -14.16
N SER A 69 2.67 -10.43 -13.95
CA SER A 69 1.79 -11.35 -14.68
C SER A 69 1.86 -11.22 -16.20
N LEU A 70 2.13 -10.01 -16.68
CA LEU A 70 2.23 -9.71 -18.10
C LEU A 70 3.70 -9.53 -18.55
N GLY A 71 4.62 -9.82 -17.65
CA GLY A 71 6.02 -9.55 -17.90
C GLY A 71 6.35 -8.08 -17.88
N TYR A 72 7.48 -7.75 -18.50
CA TYR A 72 8.07 -6.43 -18.42
C TYR A 72 7.99 -5.74 -19.77
N GLY A 73 7.44 -4.53 -19.78
CA GLY A 73 7.29 -3.77 -20.99
C GLY A 73 6.20 -4.25 -21.93
N HIS A 74 5.25 -5.05 -21.43
CA HIS A 74 4.11 -5.44 -22.23
C HIS A 74 3.40 -4.22 -22.82
N PRO A 75 3.12 -4.24 -24.13
CA PRO A 75 2.49 -3.11 -24.84
C PRO A 75 1.20 -2.60 -24.19
N ALA A 76 0.38 -3.53 -23.70
CA ALA A 76 -0.91 -3.19 -23.09
C ALA A 76 -0.73 -2.36 -21.82
N ILE A 77 0.23 -2.76 -21.00
CA ILE A 77 0.57 -2.02 -19.78
C ILE A 77 1.16 -0.65 -20.11
N VAL A 78 2.08 -0.61 -21.07
CA VAL A 78 2.71 0.63 -21.51
C VAL A 78 1.68 1.63 -22.04
N ALA A 79 0.78 1.17 -22.92
CA ALA A 79 -0.25 2.02 -23.49
C ALA A 79 -1.20 2.59 -22.42
N ALA A 80 -1.66 1.72 -21.53
CA ALA A 80 -2.64 2.09 -20.51
C ALA A 80 -2.03 3.00 -19.43
N VAL A 81 -0.81 2.69 -19.01
CA VAL A 81 -0.12 3.48 -17.99
C VAL A 81 0.24 4.86 -18.51
N SER A 82 0.79 4.93 -19.72
CA SER A 82 1.15 6.20 -20.36
C SER A 82 -0.06 7.12 -20.53
N ALA A 83 -1.16 6.56 -21.02
CA ALA A 83 -2.38 7.33 -21.24
C ALA A 83 -2.96 7.80 -19.92
N ALA A 84 -2.99 6.90 -18.93
CA ALA A 84 -3.43 7.27 -17.58
C ALA A 84 -2.56 8.38 -16.98
N ALA A 85 -1.24 8.28 -17.11
CA ALA A 85 -0.34 9.31 -16.60
C ALA A 85 -0.61 10.65 -17.28
N ALA A 86 -0.91 10.60 -18.57
CA ALA A 86 -1.11 11.79 -19.40
C ALA A 86 -2.42 12.53 -19.09
N ASN A 87 -3.43 11.79 -18.65
CA ASN A 87 -4.74 12.35 -18.40
C ASN A 87 -5.32 11.58 -17.22
N PRO A 88 -4.79 11.81 -16.00
CA PRO A 88 -5.26 11.05 -14.85
C PRO A 88 -6.61 11.54 -14.31
N ALA A 89 -7.55 10.61 -14.13
CA ALA A 89 -8.84 10.94 -13.50
C ALA A 89 -8.65 11.10 -11.99
N GLY A 90 -8.02 12.20 -11.61
CA GLY A 90 -7.64 12.40 -10.20
C GLY A 90 -6.56 11.43 -9.75
N ALA A 91 -6.55 11.13 -8.45
CA ALA A 91 -5.49 10.36 -7.81
C ALA A 91 -6.04 9.41 -6.75
N THR A 92 -7.35 9.44 -6.53
CA THR A 92 -7.92 8.68 -5.43
C THR A 92 -9.33 8.15 -5.74
N ILE A 93 -9.84 7.24 -4.93
CA ILE A 93 -11.25 6.81 -5.01
C ILE A 93 -11.95 7.15 -3.70
N LEU A 94 -11.19 7.57 -2.69
CA LEU A 94 -11.76 7.93 -1.39
C LEU A 94 -12.82 9.04 -1.49
N SER A 95 -12.47 10.10 -2.18
CA SER A 95 -13.17 11.37 -2.06
C SER A 95 -13.80 11.79 -3.37
N ALA A 96 -13.50 11.03 -4.41
CA ALA A 96 -14.05 11.24 -5.72
C ALA A 96 -14.31 9.87 -6.30
N SER A 97 -15.32 9.79 -7.15
CA SER A 97 -15.45 8.64 -8.00
C SER A 97 -14.61 8.91 -9.23
N ASN A 98 -13.94 7.89 -9.75
CA ASN A 98 -13.18 8.09 -10.97
C ASN A 98 -13.40 6.94 -11.94
N ALA A 99 -13.38 7.26 -13.23
CA ALA A 99 -13.89 6.34 -14.25
C ALA A 99 -13.09 5.03 -14.35
N PRO A 100 -11.74 5.13 -14.38
CA PRO A 100 -10.91 3.93 -14.43
C PRO A 100 -11.17 2.95 -13.29
N ALA A 101 -11.17 3.44 -12.05
CA ALA A 101 -11.50 2.60 -10.89
C ALA A 101 -12.87 1.93 -11.04
N VAL A 102 -13.87 2.72 -11.44
CA VAL A 102 -15.23 2.23 -11.61
C VAL A 102 -15.31 1.17 -12.71
N THR A 103 -14.68 1.45 -13.84
CA THR A 103 -14.69 0.52 -14.97
C THR A 103 -14.06 -0.82 -14.58
N LEU A 104 -12.97 -0.76 -13.80
CA LEU A 104 -12.26 -1.96 -13.36
C LEU A 104 -13.05 -2.73 -12.30
N ALA A 105 -13.67 -2.00 -11.37
CA ALA A 105 -14.56 -2.63 -10.42
C ALA A 105 -15.65 -3.46 -11.12
N GLU A 106 -16.30 -2.87 -12.14
CA GLU A 106 -17.41 -3.53 -12.88
C GLU A 106 -16.90 -4.78 -13.55
N ARG A 107 -15.69 -4.67 -14.07
CA ARG A 107 -15.04 -5.73 -14.81
C ARG A 107 -14.70 -6.92 -13.89
N LEU A 108 -14.27 -6.61 -12.67
CA LEU A 108 -13.95 -7.65 -11.69
C LEU A 108 -15.22 -8.35 -11.21
N LEU A 109 -16.26 -7.56 -10.98
CA LEU A 109 -17.59 -8.09 -10.61
C LEU A 109 -18.21 -8.92 -11.73
N ALA A 110 -17.99 -8.49 -12.98
CA ALA A 110 -18.40 -9.28 -14.15
C ALA A 110 -17.69 -10.65 -14.23
N SER A 111 -16.45 -10.72 -13.70
CA SER A 111 -15.66 -11.97 -13.66
C SER A 111 -16.02 -12.88 -12.50
N PHE A 112 -16.84 -12.38 -11.58
CA PHE A 112 -17.22 -13.13 -10.39
C PHE A 112 -18.74 -13.36 -10.46
N PRO A 113 -19.27 -14.44 -9.86
CA PRO A 113 -20.73 -14.54 -9.64
C PRO A 113 -21.30 -14.21 -8.24
N GLY A 114 -21.53 -12.94 -7.86
CA GLY A 114 -21.26 -11.74 -8.65
C GLY A 114 -22.37 -10.67 -8.62
N GLU A 115 -23.45 -10.95 -9.36
CA GLU A 115 -24.39 -9.91 -9.82
C GLU A 115 -25.31 -9.31 -8.74
N GLY A 116 -25.11 -8.04 -8.45
CA GLY A 116 -25.91 -7.31 -7.45
C GLY A 116 -25.69 -7.70 -6.00
N THR A 117 -25.00 -8.81 -5.76
CA THR A 117 -24.75 -9.25 -4.39
C THR A 117 -23.40 -8.71 -3.88
N HIS A 118 -22.46 -8.46 -4.79
CA HIS A 118 -21.09 -8.13 -4.41
C HIS A 118 -20.65 -6.72 -4.80
N LYS A 119 -19.70 -6.20 -4.02
CA LYS A 119 -19.04 -4.94 -4.33
C LYS A 119 -17.51 -5.06 -4.26
N ILE A 120 -16.81 -4.00 -4.70
CA ILE A 120 -15.34 -3.97 -4.76
C ILE A 120 -14.79 -2.96 -3.76
N TRP A 121 -13.63 -3.30 -3.19
CA TRP A 121 -12.83 -2.41 -2.36
C TRP A 121 -11.43 -2.51 -2.95
N PHE A 122 -10.81 -1.36 -3.22
CA PHE A 122 -9.46 -1.31 -3.82
C PHE A 122 -8.38 -1.03 -2.78
N GLY A 123 -7.24 -1.70 -2.93
CA GLY A 123 -6.09 -1.45 -2.06
C GLY A 123 -4.78 -1.36 -2.81
N HIS A 124 -3.67 -1.34 -2.08
CA HIS A 124 -2.34 -1.26 -2.66
C HIS A 124 -1.73 -2.63 -2.76
N SER A 125 -2.11 -3.55 -1.89
CA SER A 125 -1.37 -4.78 -1.74
C SER A 125 -2.25 -5.86 -1.15
N GLY A 126 -1.81 -7.10 -1.22
CA GLY A 126 -2.55 -8.17 -0.60
C GLY A 126 -2.65 -8.05 0.91
N SER A 127 -1.63 -7.48 1.55
CA SER A 127 -1.63 -7.34 3.00
C SER A 127 -2.75 -6.43 3.42
N ASP A 128 -2.86 -5.27 2.76
CA ASP A 128 -3.94 -4.35 3.14
C ASP A 128 -5.32 -4.87 2.75
N ALA A 129 -5.39 -5.60 1.64
CA ALA A 129 -6.65 -6.17 1.17
C ALA A 129 -7.18 -7.23 2.15
N ASN A 130 -6.30 -8.14 2.60
CA ASN A 130 -6.64 -9.10 3.66
C ASN A 130 -7.02 -8.46 5.01
N GLU A 131 -6.31 -7.41 5.37
CA GLU A 131 -6.61 -6.62 6.55
C GLU A 131 -7.98 -5.95 6.45
N ALA A 132 -8.31 -5.42 5.27
CA ALA A 132 -9.59 -4.77 5.06
C ALA A 132 -10.73 -5.78 5.17
N ALA A 133 -10.52 -6.98 4.62
CA ALA A 133 -11.51 -8.04 4.65
C ALA A 133 -11.82 -8.44 6.10
N TYR A 134 -10.77 -8.67 6.88
CA TYR A 134 -10.96 -9.00 8.26
C TYR A 134 -11.66 -7.88 9.07
N ARG A 135 -11.18 -6.64 9.00
CA ARG A 135 -11.83 -5.54 9.70
C ARG A 135 -13.31 -5.35 9.30
N ALA A 136 -13.61 -5.40 8.01
CA ALA A 136 -14.98 -5.28 7.49
C ALA A 136 -15.93 -6.36 8.02
N ILE A 137 -15.45 -7.60 8.04
CA ILE A 137 -16.22 -8.72 8.57
C ILE A 137 -16.53 -8.52 10.04
N VAL A 138 -15.53 -8.22 10.85
CA VAL A 138 -15.75 -7.96 12.27
C VAL A 138 -16.77 -6.82 12.45
N LYS A 139 -16.62 -5.75 11.67
CA LYS A 139 -17.47 -4.57 11.82
C LYS A 139 -18.90 -4.89 11.44
N ALA A 140 -19.08 -5.66 10.38
CA ALA A 140 -20.40 -5.89 9.81
C ALA A 140 -21.16 -6.90 10.61
N THR A 141 -20.46 -7.93 11.11
CA THR A 141 -21.11 -9.08 11.72
C THR A 141 -20.89 -9.23 13.23
N GLY A 142 -19.89 -8.54 13.77
CA GLY A 142 -19.54 -8.67 15.19
C GLY A 142 -18.79 -9.95 15.51
N ARG A 143 -18.64 -10.82 14.52
CA ARG A 143 -17.97 -12.08 14.77
C ARG A 143 -16.47 -11.89 14.46
N SER A 144 -15.68 -11.78 15.52
CA SER A 144 -14.26 -11.57 15.40
C SER A 144 -13.41 -12.84 15.27
N GLY A 145 -13.98 -14.00 15.62
CA GLY A 145 -13.29 -15.27 15.52
C GLY A 145 -12.92 -15.65 14.09
N VAL A 146 -11.74 -16.22 13.91
CA VAL A 146 -11.21 -16.53 12.57
C VAL A 146 -10.67 -17.94 12.54
N ILE A 147 -10.87 -18.62 11.41
CA ILE A 147 -10.17 -19.86 11.07
C ILE A 147 -9.13 -19.56 10.01
N ALA A 148 -7.93 -20.12 10.19
CA ALA A 148 -6.84 -19.98 9.20
C ALA A 148 -5.93 -21.20 9.23
N PHE A 149 -5.10 -21.35 8.21
CA PHE A 149 -4.20 -22.49 8.09
C PHE A 149 -2.79 -22.21 8.56
N ALA A 150 -2.21 -23.15 9.31
CA ALA A 150 -0.81 -23.10 9.71
C ALA A 150 0.06 -22.96 8.46
N GLY A 151 1.02 -22.04 8.51
CA GLY A 151 1.91 -21.79 7.37
C GLY A 151 1.36 -20.81 6.34
N ALA A 152 0.11 -20.37 6.56
CA ALA A 152 -0.52 -19.37 5.69
C ALA A 152 0.23 -18.03 5.70
N TYR A 153 0.18 -17.37 4.53
CA TYR A 153 0.69 -16.03 4.36
C TYR A 153 -0.44 -15.14 3.86
N HIS A 154 -0.88 -14.22 4.70
CA HIS A 154 -1.94 -13.30 4.30
C HIS A 154 -1.45 -11.86 4.21
N GLY A 155 -0.14 -11.71 4.37
CA GLY A 155 0.52 -10.42 4.30
C GLY A 155 1.42 -10.16 5.49
N CYS A 156 2.12 -9.05 5.47
CA CYS A 156 3.16 -8.79 6.45
C CYS A 156 2.96 -7.46 7.16
N THR A 157 1.69 -7.16 7.46
CA THR A 157 1.37 -6.02 8.29
C THR A 157 0.72 -6.52 9.55
N VAL A 158 0.73 -5.70 10.61
CA VAL A 158 0.10 -6.05 11.88
C VAL A 158 -1.31 -6.60 11.65
N GLY A 159 -2.10 -5.90 10.84
CA GLY A 159 -3.47 -6.29 10.51
C GLY A 159 -3.65 -7.62 9.81
N SER A 160 -2.73 -7.95 8.90
CA SER A 160 -2.81 -9.18 8.10
C SER A 160 -2.07 -10.35 8.73
N MET A 161 -1.18 -10.06 9.68
CA MET A 161 -0.57 -11.10 10.49
C MET A 161 -1.35 -11.37 11.79
N ALA A 162 -2.48 -10.71 11.96
CA ALA A 162 -3.35 -10.93 13.12
C ALA A 162 -3.89 -12.37 13.16
N PHE A 163 -4.08 -12.95 11.98
CA PHE A 163 -4.64 -14.30 11.82
C PHE A 163 -3.67 -15.25 11.12
N GLY A 177 -10.14 -17.20 19.84
CA GLY A 177 -10.13 -16.27 18.72
C GLY A 177 -9.75 -16.93 17.39
N LEU A 178 -8.65 -17.69 17.39
CA LEU A 178 -8.08 -18.28 16.16
C LEU A 178 -8.16 -19.78 16.17
N ILE A 179 -8.80 -20.36 15.17
CA ILE A 179 -8.70 -21.80 14.93
C ILE A 179 -7.68 -22.04 13.81
N LEU A 180 -6.50 -22.52 14.20
CA LEU A 180 -5.45 -22.86 13.25
C LEU A 180 -5.54 -24.33 12.85
N LEU A 181 -5.55 -24.57 11.54
CA LEU A 181 -5.61 -25.93 11.02
C LEU A 181 -4.38 -26.22 10.17
N PRO A 182 -3.98 -27.49 10.10
CA PRO A 182 -2.97 -27.90 9.13
C PRO A 182 -3.54 -27.77 7.72
N TYR A 183 -2.71 -27.36 6.78
CA TYR A 183 -3.11 -27.36 5.39
C TYR A 183 -3.13 -28.83 4.97
N PRO A 184 -4.13 -29.26 4.17
CA PRO A 184 -4.09 -30.66 3.74
C PRO A 184 -3.10 -30.87 2.61
N ASP A 185 -1.92 -31.36 2.95
CA ASP A 185 -0.83 -31.54 2.00
C ASP A 185 -0.73 -33.03 1.63
N PRO A 186 -1.00 -33.38 0.34
CA PRO A 186 -0.97 -34.81 -0.03
C PRO A 186 0.41 -35.43 0.27
N TYR A 187 1.44 -34.60 0.15
CA TYR A 187 2.82 -35.02 0.34
C TYR A 187 3.21 -35.12 1.82
N ARG A 188 2.44 -34.49 2.71
CA ARG A 188 2.66 -34.58 4.17
C ARG A 188 1.34 -34.61 4.99
N PRO A 189 0.64 -35.77 4.99
CA PRO A 189 -0.72 -35.84 5.58
C PRO A 189 -0.78 -35.55 7.09
N TYR A 190 -1.98 -35.25 7.58
CA TYR A 190 -2.20 -34.97 8.98
C TYR A 190 -2.84 -36.16 9.66
N ARG A 191 -2.33 -36.52 10.83
CA ARG A 191 -2.78 -37.68 11.60
C ARG A 191 -2.91 -38.94 10.76
N ASN A 192 -1.98 -39.13 9.82
CA ASN A 192 -1.94 -40.34 9.00
C ASN A 192 -3.20 -40.53 8.13
N ASP A 193 -3.76 -39.41 7.67
CA ASP A 193 -4.94 -39.43 6.79
C ASP A 193 -4.65 -38.67 5.49
N PRO A 194 -4.25 -39.40 4.43
CA PRO A 194 -3.96 -38.71 3.17
C PRO A 194 -5.21 -38.09 2.52
N THR A 195 -6.41 -38.55 2.89
CA THR A 195 -7.64 -37.98 2.32
C THR A 195 -7.82 -36.52 2.73
N GLY A 196 -7.48 -36.24 3.99
CA GLY A 196 -7.57 -34.91 4.58
C GLY A 196 -8.75 -34.82 5.50
N ASP A 197 -9.46 -35.95 5.63
CA ASP A 197 -10.71 -36.00 6.39
C ASP A 197 -10.55 -35.83 7.89
N ALA A 198 -9.36 -36.14 8.41
CA ALA A 198 -9.01 -35.86 9.81
C ALA A 198 -8.87 -34.36 10.11
N ILE A 199 -8.51 -33.57 9.08
CA ILE A 199 -8.49 -32.11 9.20
C ILE A 199 -9.92 -31.55 9.30
N LEU A 200 -10.85 -32.10 8.50
CA LEU A 200 -12.27 -31.75 8.60
C LEU A 200 -12.88 -32.19 9.92
N THR A 201 -12.32 -33.25 10.51
CA THR A 201 -12.76 -33.74 11.82
C THR A 201 -12.26 -32.82 12.94
N LEU A 202 -10.98 -32.43 12.89
CA LEU A 202 -10.43 -31.44 13.83
C LEU A 202 -11.25 -30.14 13.79
N LEU A 203 -11.57 -29.69 12.58
CA LEU A 203 -12.34 -28.47 12.38
C LEU A 203 -13.67 -28.55 13.10
N THR A 204 -14.37 -29.67 12.90
CA THR A 204 -15.66 -29.96 13.54
C THR A 204 -15.56 -29.88 15.06
N GLU A 205 -14.45 -30.39 15.61
CA GLU A 205 -14.20 -30.37 17.05
C GLU A 205 -14.00 -28.96 17.58
N LYS A 206 -13.22 -28.16 16.87
CA LYS A 206 -12.87 -26.82 17.34
C LYS A 206 -14.10 -25.90 17.38
N LEU A 207 -14.98 -26.10 16.39
CA LEU A 207 -16.22 -25.34 16.24
C LEU A 207 -17.21 -25.68 17.34
N ALA A 208 -17.35 -26.97 17.61
CA ALA A 208 -18.18 -27.48 18.68
C ALA A 208 -17.71 -26.97 20.04
N ALA A 209 -16.40 -26.73 20.15
CA ALA A 209 -15.75 -26.33 21.40
C ALA A 209 -15.96 -24.87 21.78
N VAL A 210 -16.40 -24.07 20.82
CA VAL A 210 -16.49 -22.62 21.00
C VAL A 210 -17.94 -22.21 20.66
N PRO A 211 -18.45 -21.11 21.23
CA PRO A 211 -19.86 -20.76 20.98
C PRO A 211 -20.23 -20.67 19.50
N ALA A 212 -21.44 -21.08 19.16
CA ALA A 212 -21.96 -20.85 17.83
C ALA A 212 -21.96 -19.35 17.59
N GLY A 213 -21.62 -18.93 16.38
CA GLY A 213 -21.69 -17.52 16.00
C GLY A 213 -20.54 -16.67 16.53
N SER A 214 -19.45 -17.31 16.92
CA SER A 214 -18.28 -16.59 17.39
C SER A 214 -17.21 -16.48 16.31
N ILE A 215 -17.23 -17.41 15.36
CA ILE A 215 -16.33 -17.37 14.20
C ILE A 215 -17.01 -16.65 13.05
N GLY A 216 -16.40 -15.56 12.59
CA GLY A 216 -16.90 -14.82 11.44
C GLY A 216 -16.37 -15.27 10.09
N ALA A 217 -15.10 -15.67 10.03
CA ALA A 217 -14.46 -15.89 8.74
C ALA A 217 -13.49 -17.09 8.68
N ALA A 218 -13.40 -17.73 7.51
CA ALA A 218 -12.33 -18.69 7.22
C ALA A 218 -11.46 -18.17 6.10
N PHE A 219 -10.17 -17.99 6.36
CA PHE A 219 -9.22 -17.54 5.34
C PHE A 219 -8.53 -18.73 4.71
N ILE A 220 -8.66 -18.86 3.40
CA ILE A 220 -8.09 -19.99 2.68
C ILE A 220 -7.25 -19.52 1.50
N GLU A 221 -6.10 -20.16 1.32
CA GLU A 221 -5.39 -20.13 0.06
C GLU A 221 -5.79 -21.42 -0.68
N PRO A 222 -6.28 -21.29 -1.93
CA PRO A 222 -6.67 -22.51 -2.67
C PRO A 222 -5.46 -23.28 -3.19
N ILE A 223 -4.29 -22.64 -3.13
CA ILE A 223 -2.98 -23.27 -3.26
C ILE A 223 -2.10 -22.56 -2.21
N GLN A 224 -1.49 -23.30 -1.29
CA GLN A 224 -0.80 -22.63 -0.21
C GLN A 224 0.62 -22.20 -0.59
N SER A 225 0.84 -20.89 -0.66
CA SER A 225 2.08 -20.29 -1.15
C SER A 225 3.29 -20.50 -0.24
N ASP A 226 3.26 -19.90 0.95
CA ASP A 226 4.37 -19.99 1.91
C ASP A 226 4.60 -21.41 2.39
N GLY A 227 3.56 -22.25 2.35
CA GLY A 227 3.69 -23.66 2.72
C GLY A 227 4.52 -24.42 1.70
N GLY A 228 4.66 -23.83 0.52
CA GLY A 228 5.47 -24.41 -0.54
C GLY A 228 4.62 -24.87 -1.69
N LEU A 229 3.71 -23.99 -2.13
CA LEU A 229 2.91 -24.17 -3.35
C LEU A 229 2.05 -25.46 -3.36
N ILE A 230 1.48 -25.79 -2.21
CA ILE A 230 0.73 -27.02 -2.01
C ILE A 230 -0.68 -26.96 -2.59
N VAL A 231 -0.96 -27.82 -3.55
CA VAL A 231 -2.32 -28.03 -4.00
C VAL A 231 -2.95 -29.03 -3.03
N PRO A 232 -4.11 -28.68 -2.43
CA PRO A 232 -4.71 -29.63 -1.48
C PRO A 232 -5.30 -30.85 -2.21
N PRO A 233 -5.63 -31.94 -1.48
CA PRO A 233 -6.27 -33.08 -2.12
C PRO A 233 -7.63 -32.69 -2.68
N ASP A 234 -8.01 -33.36 -3.77
CA ASP A 234 -9.27 -33.12 -4.45
C ASP A 234 -10.45 -33.19 -3.48
N GLY A 235 -11.33 -32.20 -3.57
CA GLY A 235 -12.57 -32.21 -2.80
C GLY A 235 -12.48 -31.57 -1.44
N PHE A 236 -11.28 -31.50 -0.87
CA PHE A 236 -11.14 -31.02 0.52
C PHE A 236 -11.77 -29.65 0.72
N LEU A 237 -11.41 -28.69 -0.13
CA LEU A 237 -11.87 -27.32 0.01
C LEU A 237 -13.36 -27.13 -0.18
N ARG A 238 -13.94 -27.89 -1.12
CA ARG A 238 -15.39 -27.92 -1.33
C ARG A 238 -16.08 -28.34 -0.05
N LYS A 239 -15.59 -29.42 0.53
CA LYS A 239 -16.08 -29.94 1.80
C LYS A 239 -15.90 -28.91 2.90
N PHE A 240 -14.72 -28.31 2.95
CA PHE A 240 -14.41 -27.32 3.97
C PHE A 240 -15.37 -26.14 3.90
N ALA A 241 -15.73 -25.75 2.70
CA ALA A 241 -16.64 -24.63 2.48
C ALA A 241 -18.07 -24.91 2.98
N ASP A 242 -18.55 -26.13 2.77
CA ASP A 242 -19.85 -26.60 3.28
C ASP A 242 -19.96 -26.45 4.80
N ILE A 243 -18.96 -26.96 5.50
CA ILE A 243 -18.91 -26.89 6.94
C ILE A 243 -18.99 -25.44 7.43
N CYS A 244 -18.25 -24.54 6.78
CA CYS A 244 -18.29 -23.14 7.13
C CYS A 244 -19.69 -22.53 6.94
N ARG A 245 -20.31 -22.78 5.80
CA ARG A 245 -21.62 -22.19 5.51
C ARG A 245 -22.65 -22.75 6.46
N ALA A 246 -22.53 -24.05 6.77
CA ALA A 246 -23.31 -24.71 7.82
C ALA A 246 -23.21 -24.02 9.18
N HIS A 247 -22.14 -23.24 9.41
CA HIS A 247 -21.94 -22.59 10.70
C HIS A 247 -22.07 -21.07 10.63
N GLY A 248 -22.51 -20.57 9.48
CA GLY A 248 -22.64 -19.13 9.24
C GLY A 248 -21.31 -18.41 9.12
N ILE A 249 -20.30 -19.14 8.65
CA ILE A 249 -18.94 -18.61 8.56
C ILE A 249 -18.60 -18.24 7.10
N LEU A 250 -18.16 -17.00 6.91
CA LEU A 250 -17.79 -16.53 5.57
C LEU A 250 -16.47 -17.13 5.12
N VAL A 251 -16.48 -17.60 3.88
CA VAL A 251 -15.30 -18.18 3.26
C VAL A 251 -14.59 -17.11 2.43
N VAL A 252 -13.35 -16.83 2.85
CA VAL A 252 -12.51 -15.83 2.22
C VAL A 252 -11.45 -16.59 1.45
N CYS A 253 -11.43 -16.41 0.13
CA CYS A 253 -10.43 -17.07 -0.70
C CYS A 253 -9.33 -16.08 -1.06
N ASP A 254 -8.12 -16.34 -0.59
CA ASP A 254 -7.00 -15.42 -0.79
C ASP A 254 -6.24 -15.86 -2.03
N GLU A 255 -6.46 -15.13 -3.12
CA GLU A 255 -5.87 -15.48 -4.42
C GLU A 255 -4.86 -14.45 -4.90
N VAL A 256 -4.21 -13.80 -3.96
CA VAL A 256 -3.21 -12.79 -4.28
C VAL A 256 -2.06 -13.38 -5.11
N LYS A 257 -1.68 -14.61 -4.83
CA LYS A 257 -0.52 -15.23 -5.48
C LYS A 257 -0.91 -16.03 -6.74
N VAL A 258 -2.10 -16.59 -6.70
CA VAL A 258 -2.45 -17.71 -7.56
C VAL A 258 -3.71 -17.40 -8.40
N GLY A 259 -4.28 -16.22 -8.18
CA GLY A 259 -5.45 -15.79 -8.91
C GLY A 259 -5.08 -15.17 -10.25
N LEU A 260 -6.13 -14.77 -10.97
CA LEU A 260 -6.02 -14.11 -12.27
C LEU A 260 -5.25 -14.87 -13.34
N ALA A 261 -5.91 -15.89 -13.85
CA ALA A 261 -5.44 -16.67 -14.99
C ALA A 261 -4.29 -17.61 -14.66
N ARG A 262 -3.62 -17.37 -13.56
CA ARG A 262 -2.38 -18.07 -13.24
C ARG A 262 -2.51 -19.59 -13.11
N SER A 263 -3.65 -20.04 -12.59
CA SER A 263 -3.89 -21.48 -12.35
C SER A 263 -4.36 -22.27 -13.57
N GLY A 264 -4.62 -21.60 -14.67
CA GLY A 264 -5.23 -22.29 -15.83
C GLY A 264 -6.69 -21.93 -15.95
N ARG A 265 -7.30 -21.42 -14.86
CA ARG A 265 -8.58 -20.73 -14.90
C ARG A 265 -8.34 -19.31 -14.47
N LEU A 266 -9.31 -18.43 -14.70
CA LEU A 266 -9.21 -17.05 -14.21
C LEU A 266 -9.06 -17.00 -12.69
N HIS A 267 -9.94 -17.70 -11.98
CA HIS A 267 -9.90 -17.75 -10.52
C HIS A 267 -9.60 -19.17 -10.12
N CYS A 268 -8.71 -19.34 -9.15
CA CYS A 268 -8.26 -20.67 -8.74
C CYS A 268 -9.35 -21.54 -8.10
N PHE A 269 -10.35 -20.91 -7.48
CA PHE A 269 -11.44 -21.64 -6.83
C PHE A 269 -12.32 -22.42 -7.82
N GLU A 270 -12.23 -22.08 -9.10
CA GLU A 270 -12.94 -22.81 -10.16
C GLU A 270 -12.46 -24.25 -10.31
N HIS A 271 -11.21 -24.53 -9.94
CA HIS A 271 -10.69 -25.90 -9.85
C HIS A 271 -11.23 -26.67 -8.66
N GLU A 272 -11.88 -25.99 -7.73
CA GLU A 272 -12.16 -26.56 -6.41
C GLU A 272 -13.63 -26.89 -6.13
N GLY A 273 -14.50 -26.66 -7.11
CA GLY A 273 -15.92 -26.97 -6.97
C GLY A 273 -16.67 -26.22 -5.86
N PHE A 274 -16.21 -25.01 -5.51
CA PHE A 274 -16.96 -24.13 -4.60
C PHE A 274 -16.79 -22.68 -5.06
N VAL A 275 -17.63 -21.79 -4.55
CA VAL A 275 -17.47 -20.33 -4.76
C VAL A 275 -17.33 -19.63 -3.40
N PRO A 276 -16.27 -18.84 -3.21
CA PRO A 276 -16.07 -18.20 -1.89
C PRO A 276 -17.03 -17.05 -1.68
N ASP A 277 -17.24 -16.65 -0.43
CA ASP A 277 -18.06 -15.46 -0.13
C ASP A 277 -17.27 -14.18 -0.43
N ILE A 278 -15.96 -14.24 -0.17
CA ILE A 278 -15.06 -13.09 -0.37
C ILE A 278 -13.81 -13.54 -1.11
N LEU A 279 -13.39 -12.74 -2.10
CA LEU A 279 -12.16 -12.98 -2.88
C LEU A 279 -11.14 -11.85 -2.70
N VAL A 280 -9.91 -12.23 -2.37
CA VAL A 280 -8.82 -11.26 -2.23
C VAL A 280 -7.84 -11.42 -3.38
N LEU A 281 -7.59 -10.31 -4.04
CA LEU A 281 -6.78 -10.27 -5.25
C LEU A 281 -5.65 -9.28 -5.04
N GLY A 282 -4.51 -9.55 -5.65
CA GLY A 282 -3.36 -8.66 -5.52
C GLY A 282 -2.30 -9.07 -6.51
N LYS A 283 -1.03 -8.84 -6.12
CA LYS A 283 0.17 -9.11 -6.95
C LYS A 283 -0.01 -8.88 -8.46
N GLY A 284 -0.24 -9.95 -9.22
CA GLY A 284 -0.40 -9.86 -10.67
C GLY A 284 -1.44 -8.89 -11.21
N LEU A 285 -2.48 -8.62 -10.38
CA LEU A 285 -3.53 -7.62 -10.67
C LEU A 285 -3.04 -6.29 -11.24
N GLY A 286 -1.95 -5.74 -10.71
CA GLY A 286 -1.38 -4.47 -11.22
C GLY A 286 -0.36 -4.65 -12.35
N GLY A 287 -0.07 -5.90 -12.71
CA GLY A 287 0.98 -6.23 -13.67
C GLY A 287 2.24 -5.38 -13.49
N GLY A 288 2.64 -5.13 -12.23
CA GLY A 288 3.80 -4.25 -11.97
C GLY A 288 3.55 -2.99 -11.15
N LEU A 289 2.30 -2.50 -11.13
CA LEU A 289 1.92 -1.43 -10.21
C LEU A 289 1.29 -2.07 -8.97
N PRO A 290 1.28 -1.36 -7.82
CA PRO A 290 0.54 -1.83 -6.65
C PRO A 290 -0.97 -1.67 -6.82
N LEU A 291 -1.68 -2.77 -6.67
CA LEU A 291 -3.11 -2.80 -6.84
C LEU A 291 -3.62 -4.09 -6.23
N SER A 292 -4.53 -3.95 -5.28
CA SER A 292 -5.26 -5.10 -4.79
C SER A 292 -6.75 -4.80 -4.80
N ALA A 293 -7.55 -5.82 -4.50
CA ALA A 293 -9.01 -5.71 -4.53
C ALA A 293 -9.63 -6.75 -3.64
N VAL A 294 -10.75 -6.37 -3.03
CA VAL A 294 -11.58 -7.32 -2.32
C VAL A 294 -12.92 -7.33 -3.01
N ILE A 295 -13.38 -8.53 -3.37
CA ILE A 295 -14.71 -8.78 -3.86
C ILE A 295 -15.49 -9.40 -2.69
N ALA A 296 -16.47 -8.67 -2.18
CA ALA A 296 -17.16 -9.07 -0.96
C ALA A 296 -18.67 -8.73 -1.06
N PRO A 297 -19.54 -9.47 -0.33
CA PRO A 297 -20.96 -9.09 -0.33
C PRO A 297 -21.11 -7.60 -0.02
N ALA A 298 -22.05 -6.94 -0.70
CA ALA A 298 -22.36 -5.54 -0.44
C ALA A 298 -22.55 -5.21 1.03
N GLU A 299 -23.18 -6.11 1.77
CA GLU A 299 -23.46 -5.86 3.18
C GLU A 299 -22.19 -5.77 4.02
N ILE A 300 -21.14 -6.49 3.62
CA ILE A 300 -19.86 -6.45 4.32
C ILE A 300 -19.13 -5.13 4.04
N LEU A 301 -19.19 -4.69 2.78
CA LEU A 301 -18.49 -3.49 2.33
C LEU A 301 -19.24 -2.17 2.55
N ASP A 302 -20.56 -2.27 2.71
CA ASP A 302 -21.39 -1.09 2.95
C ASP A 302 -21.75 -0.85 4.42
N CYS A 303 -21.20 -1.67 5.32
CA CYS A 303 -21.48 -1.58 6.77
C CYS A 303 -20.99 -0.29 7.45
N ALA A 304 -19.96 0.34 6.88
CA ALA A 304 -19.43 1.61 7.37
C ALA A 304 -18.75 2.36 6.23
N SER A 305 -18.55 3.66 6.42
CA SER A 305 -17.82 4.48 5.46
C SER A 305 -16.61 5.07 6.17
N ALA A 306 -15.66 5.60 5.40
CA ALA A 306 -14.40 6.14 5.91
C ALA A 306 -13.75 5.23 6.95
N PHE A 307 -13.83 3.92 6.66
CA PHE A 307 -13.48 2.89 7.61
C PHE A 307 -12.08 2.30 7.34
N ALA A 308 -11.81 1.88 6.10
CA ALA A 308 -10.54 1.25 5.72
C ALA A 308 -10.07 1.88 4.41
N MET A 309 -9.10 2.78 4.52
CA MET A 309 -8.79 3.70 3.42
C MET A 309 -7.41 4.33 3.52
N GLN A 310 -6.81 4.53 2.36
CA GLN A 310 -5.52 5.15 2.21
C GLN A 310 -5.63 6.02 0.96
N THR A 311 -4.90 7.12 0.96
CA THR A 311 -5.13 8.21 0.02
C THR A 311 -5.11 7.79 -1.46
N LEU A 312 -4.17 6.92 -1.82
CA LEU A 312 -3.93 6.60 -3.22
C LEU A 312 -4.67 5.34 -3.65
N HIS A 313 -5.50 4.79 -2.76
CA HIS A 313 -6.43 3.69 -3.13
C HIS A 313 -7.31 4.05 -4.34
N GLY A 314 -7.48 3.11 -5.27
CA GLY A 314 -8.32 3.35 -6.47
C GLY A 314 -7.78 4.41 -7.41
N ASN A 315 -6.50 4.75 -7.26
CA ASN A 315 -5.86 5.74 -8.10
C ASN A 315 -5.89 5.32 -9.57
N PRO A 316 -6.07 6.28 -10.50
CA PRO A 316 -6.35 5.91 -11.89
C PRO A 316 -5.19 5.24 -12.67
N ILE A 317 -3.95 5.47 -12.23
CA ILE A 317 -2.82 4.88 -12.95
C ILE A 317 -2.70 3.39 -12.66
N SER A 318 -2.86 3.01 -11.39
CA SER A 318 -2.99 1.61 -11.00
C SER A 318 -4.24 0.94 -11.58
N ALA A 319 -5.37 1.65 -11.56
CA ALA A 319 -6.62 1.16 -12.11
C ALA A 319 -6.47 0.85 -13.59
N ALA A 320 -5.95 1.80 -14.36
CA ALA A 320 -5.74 1.56 -15.79
C ALA A 320 -4.86 0.33 -16.05
N ALA A 321 -3.78 0.20 -15.26
CA ALA A 321 -2.94 -0.99 -15.32
C ALA A 321 -3.69 -2.30 -14.97
N GLY A 322 -4.62 -2.23 -14.02
CA GLY A 322 -5.48 -3.37 -13.69
C GLY A 322 -6.36 -3.74 -14.87
N LEU A 323 -6.92 -2.74 -15.54
CA LEU A 323 -7.74 -2.95 -16.71
C LEU A 323 -7.00 -3.61 -17.85
N ALA A 324 -5.78 -3.13 -18.10
CA ALA A 324 -4.93 -3.71 -19.16
C ALA A 324 -4.67 -5.17 -18.89
N VAL A 325 -4.44 -5.52 -17.63
CA VAL A 325 -4.25 -6.91 -17.22
C VAL A 325 -5.49 -7.76 -17.49
N LEU A 326 -6.66 -7.26 -17.10
CA LEU A 326 -7.89 -8.04 -17.27
C LEU A 326 -8.23 -8.18 -18.74
N GLU A 327 -7.99 -7.11 -19.50
CA GLU A 327 -8.19 -7.12 -20.95
C GLU A 327 -7.26 -8.09 -21.67
N THR A 328 -5.99 -8.11 -21.29
CA THR A 328 -5.02 -9.03 -21.90
C THR A 328 -5.33 -10.48 -21.58
N ILE A 329 -5.72 -10.75 -20.34
CA ILE A 329 -6.12 -12.10 -19.93
C ILE A 329 -7.19 -12.68 -20.88
N ASP A 330 -8.21 -11.89 -21.17
CA ASP A 330 -9.28 -12.32 -22.06
C ASP A 330 -8.76 -12.40 -23.50
N ARG A 331 -8.13 -11.32 -23.95
CA ARG A 331 -7.68 -11.18 -25.34
C ARG A 331 -6.65 -12.23 -25.78
N ASP A 332 -5.59 -12.44 -25.01
CA ASP A 332 -4.59 -13.44 -25.39
C ASP A 332 -4.80 -14.78 -24.69
N ASP A 333 -6.05 -15.04 -24.31
CA ASP A 333 -6.47 -16.25 -23.58
C ASP A 333 -5.41 -16.80 -22.60
N LEU A 334 -5.03 -15.96 -21.64
CA LEU A 334 -3.94 -16.26 -20.73
C LEU A 334 -4.18 -17.44 -19.77
N PRO A 335 -5.41 -17.68 -19.30
CA PRO A 335 -5.56 -18.88 -18.49
C PRO A 335 -5.25 -20.19 -19.25
N ALA A 336 -5.70 -20.28 -20.50
CA ALA A 336 -5.38 -21.44 -21.36
C ALA A 336 -3.87 -21.53 -21.64
N MET A 337 -3.23 -20.38 -21.86
CA MET A 337 -1.77 -20.32 -22.06
C MET A 337 -1.00 -20.78 -20.84
N ALA A 338 -1.48 -20.40 -19.66
CA ALA A 338 -0.94 -20.81 -18.37
C ALA A 338 -1.08 -22.30 -18.13
N GLU A 339 -2.23 -22.85 -18.50
CA GLU A 339 -2.49 -24.28 -18.42
C GLU A 339 -1.53 -25.06 -19.32
N ARG A 340 -1.41 -24.64 -20.58
CA ARG A 340 -0.44 -25.20 -21.54
C ARG A 340 1.00 -25.12 -21.05
N LYS A 341 1.46 -23.90 -20.80
CA LYS A 341 2.85 -23.67 -20.43
C LYS A 341 3.20 -24.28 -19.08
N GLY A 342 2.22 -24.37 -18.19
CA GLY A 342 2.40 -25.03 -16.91
C GLY A 342 2.72 -26.50 -17.02
N ARG A 343 1.91 -27.22 -17.81
CA ARG A 343 2.12 -28.66 -18.02
C ARG A 343 3.46 -28.94 -18.67
N LEU A 344 3.81 -28.09 -19.62
CA LEU A 344 5.09 -28.17 -20.30
C LEU A 344 6.24 -27.93 -19.33
N LEU A 345 6.06 -27.01 -18.38
CA LEU A 345 7.05 -26.76 -17.35
C LEU A 345 7.20 -27.92 -16.39
N ARG A 346 6.07 -28.42 -15.88
CA ARG A 346 6.07 -29.53 -14.92
C ARG A 346 6.49 -30.87 -15.55
N ASP A 347 6.21 -31.04 -16.84
CA ASP A 347 6.69 -32.20 -17.60
C ASP A 347 8.21 -32.19 -17.70
N GLY A 348 8.78 -31.03 -17.98
CA GLY A 348 10.22 -30.85 -18.01
C GLY A 348 10.89 -31.15 -16.67
N LEU A 349 10.25 -30.74 -15.58
CA LEU A 349 10.79 -30.96 -14.24
C LEU A 349 10.75 -32.42 -13.81
N SER A 350 9.79 -33.18 -14.33
CA SER A 350 9.70 -34.62 -14.05
C SER A 350 10.87 -35.38 -14.68
N GLU A 351 11.36 -34.86 -15.81
CA GLU A 351 12.53 -35.40 -16.50
C GLU A 351 13.82 -35.11 -15.72
N LEU A 352 13.89 -33.92 -15.11
CA LEU A 352 14.98 -33.57 -14.19
C LEU A 352 14.99 -34.50 -12.97
N ALA A 353 13.81 -34.88 -12.50
CA ALA A 353 13.66 -35.81 -11.36
C ALA A 353 14.22 -37.21 -11.65
N LYS A 354 14.22 -37.61 -12.93
CA LYS A 354 14.82 -38.86 -13.38
C LYS A 354 16.35 -38.82 -13.31
N ARG A 355 16.91 -37.60 -13.32
CA ARG A 355 18.35 -37.42 -13.28
C ARG A 355 18.86 -36.85 -11.94
N HIS A 356 17.97 -36.26 -11.15
CA HIS A 356 18.38 -35.60 -9.92
C HIS A 356 17.52 -36.06 -8.74
N PRO A 357 18.10 -36.90 -7.87
CA PRO A 357 17.32 -37.54 -6.80
C PRO A 357 16.76 -36.56 -5.77
N LEU A 358 17.36 -35.36 -5.69
CA LEU A 358 16.89 -34.30 -4.79
C LEU A 358 15.41 -33.96 -4.95
N ILE A 359 14.94 -33.95 -6.19
CA ILE A 359 13.56 -33.65 -6.51
C ILE A 359 12.63 -34.72 -5.94
N GLY A 360 11.74 -34.32 -5.03
CA GLY A 360 10.80 -35.23 -4.39
C GLY A 360 9.34 -35.08 -4.81
N ASP A 361 8.90 -33.84 -5.01
CA ASP A 361 7.53 -33.59 -5.40
C ASP A 361 7.47 -32.39 -6.33
N ILE A 362 6.83 -32.59 -7.47
CA ILE A 362 6.51 -31.51 -8.39
C ILE A 362 5.01 -31.32 -8.28
N ARG A 363 4.59 -30.09 -8.03
CA ARG A 363 3.17 -29.80 -7.78
C ARG A 363 2.77 -28.45 -8.36
N GLY A 364 1.47 -28.26 -8.59
CA GLY A 364 0.95 -26.95 -8.94
C GLY A 364 -0.23 -26.99 -9.90
N ARG A 365 -0.75 -25.80 -10.22
CA ARG A 365 -1.73 -25.63 -11.28
C ARG A 365 -1.25 -24.48 -12.13
N GLY A 366 -1.33 -24.63 -13.44
CA GLY A 366 -0.95 -23.58 -14.38
C GLY A 366 0.51 -23.18 -14.24
N LEU A 367 0.76 -21.87 -14.22
CA LEU A 367 2.09 -21.30 -14.04
C LEU A 367 2.40 -20.93 -12.58
N ALA A 368 1.82 -21.68 -11.66
CA ALA A 368 2.17 -21.62 -10.25
C ALA A 368 2.62 -23.03 -9.85
N CYS A 369 3.93 -23.27 -9.82
CA CYS A 369 4.45 -24.60 -9.56
C CYS A 369 5.48 -24.63 -8.45
N GLY A 370 5.55 -25.75 -7.75
CA GLY A 370 6.52 -25.98 -6.71
C GLY A 370 7.33 -27.23 -6.97
N MET A 371 8.58 -27.20 -6.54
CA MET A 371 9.44 -28.38 -6.57
C MET A 371 10.09 -28.55 -5.21
N GLU A 372 9.59 -29.52 -4.46
CA GLU A 372 10.14 -29.83 -3.14
C GLU A 372 11.40 -30.67 -3.28
N LEU A 373 12.46 -30.21 -2.62
CA LEU A 373 13.74 -30.88 -2.62
C LEU A 373 13.97 -31.58 -1.30
N VAL A 374 14.30 -32.87 -1.40
CA VAL A 374 14.40 -33.77 -0.24
C VAL A 374 15.73 -34.52 -0.24
N CYS A 375 16.14 -34.99 0.94
CA CYS A 375 17.34 -35.80 1.09
C CYS A 375 17.10 -37.30 0.86
N ASP A 376 15.84 -37.71 1.01
CA ASP A 376 15.43 -39.06 0.64
C ASP A 376 13.96 -38.99 0.24
N ARG A 377 13.61 -39.67 -0.86
CA ARG A 377 12.25 -39.65 -1.40
C ARG A 377 11.24 -40.46 -0.58
N GLN A 378 11.75 -41.36 0.25
CA GLN A 378 10.90 -42.14 1.15
C GLN A 378 10.78 -41.44 2.50
N SER A 379 11.91 -40.94 3.00
CA SER A 379 11.94 -40.21 4.27
C SER A 379 11.27 -38.83 4.14
N ARG A 380 11.33 -38.25 2.94
CA ARG A 380 10.80 -36.91 2.66
C ARG A 380 11.43 -35.84 3.56
N GLU A 381 12.69 -36.06 3.89
CA GLU A 381 13.45 -35.14 4.74
C GLU A 381 13.92 -33.98 3.87
N PRO A 382 13.69 -32.73 4.34
CA PRO A 382 13.95 -31.50 3.57
C PRO A 382 15.43 -31.19 3.36
N ALA A 383 15.78 -30.87 2.11
CA ALA A 383 17.14 -30.49 1.78
C ALA A 383 17.31 -28.97 1.73
N ARG A 384 17.25 -28.31 2.89
CA ARG A 384 17.34 -26.84 2.96
C ARG A 384 18.64 -26.30 2.36
N ALA A 385 19.76 -26.75 2.92
CA ALA A 385 21.09 -26.26 2.55
C ALA A 385 21.35 -26.33 1.06
N GLU A 386 20.96 -27.45 0.45
CA GLU A 386 21.13 -27.66 -0.99
C GLU A 386 20.23 -26.78 -1.86
N THR A 387 19.08 -26.37 -1.31
CA THR A 387 18.11 -25.52 -2.02
C THR A 387 18.65 -24.10 -2.22
N ALA A 388 19.24 -23.53 -1.17
CA ALA A 388 19.90 -22.22 -1.22
C ALA A 388 21.00 -22.14 -2.28
N LYS A 389 21.87 -23.15 -2.30
CA LYS A 389 22.96 -23.20 -3.29
C LYS A 389 22.41 -23.27 -4.72
N LEU A 390 21.32 -24.00 -4.88
CA LEU A 390 20.68 -24.23 -6.17
C LEU A 390 20.22 -22.94 -6.81
N ILE A 391 19.49 -22.11 -6.06
CA ILE A 391 18.99 -20.84 -6.59
C ILE A 391 20.13 -19.86 -6.77
N TYR A 392 21.12 -19.91 -5.88
CA TYR A 392 22.31 -19.07 -6.01
C TYR A 392 23.03 -19.45 -7.29
N ARG A 393 23.26 -20.74 -7.46
CA ARG A 393 23.84 -21.30 -8.68
C ARG A 393 23.03 -20.96 -9.94
N ALA A 394 21.71 -21.17 -9.86
CA ALA A 394 20.83 -20.86 -10.99
C ALA A 394 20.90 -19.38 -11.35
N TYR A 395 21.03 -18.52 -10.34
CA TYR A 395 21.20 -17.09 -10.59
C TYR A 395 22.45 -16.82 -11.47
N GLN A 396 23.59 -17.34 -11.04
CA GLN A 396 24.84 -17.26 -11.82
C GLN A 396 24.68 -17.72 -13.28
N LEU A 397 23.85 -18.74 -13.49
CA LEU A 397 23.60 -19.27 -14.83
C LEU A 397 22.67 -18.43 -15.73
N GLY A 398 21.89 -17.51 -15.15
CA GLY A 398 20.96 -16.70 -15.96
C GLY A 398 19.50 -17.00 -15.68
N LEU A 399 19.24 -17.51 -14.48
CA LEU A 399 17.91 -17.95 -14.09
C LEU A 399 17.53 -17.35 -12.75
N VAL A 400 16.37 -16.69 -12.71
CA VAL A 400 15.84 -16.14 -11.45
C VAL A 400 14.73 -17.06 -10.92
N VAL A 401 14.97 -17.61 -9.73
CA VAL A 401 14.05 -18.53 -9.08
C VAL A 401 14.34 -18.49 -7.57
N TYR A 402 13.30 -18.63 -6.74
CA TYR A 402 13.43 -18.52 -5.29
C TYR A 402 12.87 -19.74 -4.56
N TYR A 403 13.13 -19.84 -3.26
CA TYR A 403 12.58 -20.92 -2.46
C TYR A 403 11.63 -20.40 -1.39
N VAL A 404 10.70 -21.26 -0.98
CA VAL A 404 9.77 -20.97 0.09
C VAL A 404 9.61 -22.19 0.99
N GLY A 405 8.55 -22.18 1.79
CA GLY A 405 8.24 -23.30 2.66
C GLY A 405 8.77 -23.05 4.05
N MET A 406 8.11 -23.66 5.03
CA MET A 406 8.55 -23.66 6.42
C MET A 406 10.00 -24.13 6.49
N ASN A 407 10.34 -25.11 5.65
CA ASN A 407 11.65 -25.77 5.66
C ASN A 407 12.67 -25.21 4.68
N GLY A 408 12.28 -24.27 3.84
CA GLY A 408 13.20 -23.64 2.89
C GLY A 408 13.67 -24.55 1.76
N ASN A 409 12.82 -25.49 1.39
CA ASN A 409 13.19 -26.52 0.42
C ASN A 409 12.24 -26.66 -0.79
N VAL A 410 11.39 -25.67 -1.03
CA VAL A 410 10.51 -25.70 -2.20
C VAL A 410 10.80 -24.54 -3.15
N LEU A 411 11.26 -24.85 -4.35
CA LEU A 411 11.48 -23.83 -5.37
C LEU A 411 10.15 -23.42 -5.97
N GLU A 412 9.89 -22.12 -5.94
CA GLU A 412 8.66 -21.55 -6.47
C GLU A 412 8.86 -21.16 -7.93
N PHE A 413 7.92 -21.55 -8.79
CA PHE A 413 7.92 -21.08 -10.17
C PHE A 413 6.63 -20.29 -10.44
N THR A 414 6.77 -18.98 -10.62
CA THR A 414 5.65 -18.10 -10.95
C THR A 414 6.02 -17.09 -12.05
N PRO A 415 6.37 -17.57 -13.26
CA PRO A 415 6.81 -16.61 -14.26
C PRO A 415 5.67 -15.79 -14.89
N PRO A 416 6.01 -14.69 -15.60
CA PRO A 416 5.02 -14.00 -16.43
C PRO A 416 4.11 -14.99 -17.18
N LEU A 417 2.81 -14.70 -17.22
CA LEU A 417 1.85 -15.62 -17.87
C LEU A 417 2.16 -15.59 -19.36
N THR A 418 2.98 -14.59 -19.66
CA THR A 418 3.48 -14.25 -20.96
C THR A 418 4.77 -15.01 -21.38
N ILE A 419 5.47 -15.64 -20.43
CA ILE A 419 6.71 -16.38 -20.74
C ILE A 419 6.58 -17.27 -21.99
N THR A 420 7.62 -17.30 -22.84
CA THR A 420 7.54 -18.08 -24.10
C THR A 420 7.88 -19.58 -23.92
N GLU A 421 7.41 -20.39 -24.86
CA GLU A 421 7.73 -21.82 -24.90
C GLU A 421 9.26 -22.02 -24.97
N THR A 422 9.95 -21.18 -25.75
CA THR A 422 11.42 -21.16 -25.82
C THR A 422 12.07 -20.76 -24.49
N ASP A 423 11.50 -19.75 -23.83
CA ASP A 423 11.94 -19.31 -22.50
C ASP A 423 11.87 -20.45 -21.48
N ILE A 424 10.85 -21.29 -21.61
CA ILE A 424 10.63 -22.39 -20.69
C ILE A 424 11.67 -23.50 -20.88
N HIS A 425 11.80 -24.03 -22.10
CA HIS A 425 12.82 -25.06 -22.40
C HIS A 425 14.23 -24.63 -21.99
N LYS A 426 14.53 -23.35 -22.25
CA LYS A 426 15.81 -22.74 -21.99
C LYS A 426 16.10 -22.66 -20.49
N ALA A 427 15.05 -22.36 -19.71
CA ALA A 427 15.14 -22.31 -18.25
C ALA A 427 15.22 -23.69 -17.64
N LEU A 428 14.64 -24.67 -18.33
CA LEU A 428 14.75 -26.07 -17.92
C LEU A 428 16.18 -26.58 -18.08
N ASP A 429 16.82 -26.24 -19.20
CA ASP A 429 18.21 -26.64 -19.38
C ASP A 429 19.08 -25.98 -18.31
N LEU A 430 18.88 -24.70 -18.08
CA LEU A 430 19.65 -23.98 -17.05
C LEU A 430 19.42 -24.57 -15.67
N LEU A 431 18.21 -25.04 -15.42
CA LEU A 431 17.86 -25.58 -14.12
C LEU A 431 18.57 -26.92 -13.95
N ASP A 432 18.56 -27.69 -15.03
CA ASP A 432 19.31 -28.94 -15.12
C ASP A 432 20.79 -28.68 -14.79
N ARG A 433 21.38 -27.72 -15.51
CA ARG A 433 22.76 -27.29 -15.31
C ARG A 433 23.01 -26.82 -13.87
N ALA A 434 22.03 -26.14 -13.28
CA ALA A 434 22.12 -25.69 -11.89
C ALA A 434 22.24 -26.83 -10.87
N PHE A 435 21.47 -27.91 -11.10
CA PHE A 435 21.50 -29.11 -10.26
C PHE A 435 22.83 -29.85 -10.35
N SER A 436 23.41 -29.88 -11.54
CA SER A 436 24.69 -30.54 -11.76
C SER A 436 25.85 -29.78 -11.13
N GLU A 437 25.68 -28.49 -10.89
CA GLU A 437 26.77 -27.61 -10.45
C GLU A 437 26.62 -27.01 -9.06
N LEU A 438 25.82 -27.64 -8.19
CA LEU A 438 25.60 -27.16 -6.82
C LEU A 438 26.85 -26.95 -5.99
N SER A 439 27.79 -27.88 -6.12
CA SER A 439 29.05 -27.88 -5.37
C SER A 439 29.93 -26.69 -5.73
N ALA A 440 29.60 -26.00 -6.83
CA ALA A 440 30.36 -24.82 -7.26
C ALA A 440 30.09 -23.60 -6.39
N VAL A 441 29.04 -23.68 -5.57
CA VAL A 441 28.68 -22.59 -4.66
C VAL A 441 28.91 -23.01 -3.21
N SER A 442 29.71 -22.22 -2.49
CA SER A 442 30.12 -22.56 -1.12
C SER A 442 29.14 -22.10 -0.02
N ASN A 443 29.39 -22.56 1.20
CA ASN A 443 28.62 -22.14 2.36
C ASN A 443 28.83 -20.66 2.73
N GLU A 444 30.01 -20.12 2.42
CA GLU A 444 30.34 -18.72 2.72
C GLU A 444 29.66 -17.72 1.78
N GLU A 445 29.37 -18.16 0.55
CA GLU A 445 28.62 -17.35 -0.41
C GLU A 445 27.15 -17.28 0.01
N ILE A 446 26.60 -18.44 0.39
CA ILE A 446 25.25 -18.53 0.95
C ILE A 446 25.07 -17.65 2.21
N ALA A 447 26.10 -17.63 3.06
CA ALA A 447 26.06 -16.90 4.34
C ALA A 447 26.03 -15.37 4.18
N GLN A 448 26.52 -14.86 3.05
CA GLN A 448 26.54 -13.42 2.77
C GLN A 448 25.15 -12.82 2.51
N PHE A 449 24.16 -13.70 2.32
CA PHE A 449 22.80 -13.27 2.04
C PHE A 449 21.87 -13.83 3.12
N ALA A 450 21.22 -12.90 3.82
CA ALA A 450 20.36 -13.23 4.97
C ALA A 450 19.08 -13.98 4.60
N GLY A 451 18.53 -13.70 3.42
CA GLY A 451 17.33 -14.36 2.88
C GLY A 451 16.07 -14.19 3.76
N TRP A 452 15.40 -15.30 4.09
CA TRP A 452 14.15 -15.27 4.87
C TRP A 452 14.33 -14.85 6.33
N LYS B 19 -26.54 4.54 -14.65
CA LYS B 19 -26.08 5.12 -15.95
C LYS B 19 -24.99 6.20 -15.78
N ALA B 20 -25.19 7.16 -14.87
CA ALA B 20 -24.16 8.15 -14.65
C ALA B 20 -23.01 7.51 -13.87
N LEU B 21 -21.81 8.08 -14.01
CA LEU B 21 -20.60 7.57 -13.37
C LEU B 21 -20.74 7.49 -11.84
N TYR B 22 -21.28 8.52 -11.22
CA TYR B 22 -21.49 8.49 -9.78
C TYR B 22 -22.43 7.37 -9.32
N ASP B 23 -23.55 7.19 -10.00
CA ASP B 23 -24.45 6.06 -9.74
C ASP B 23 -23.72 4.70 -9.89
N ARG B 24 -22.94 4.55 -10.96
CA ARG B 24 -22.18 3.29 -11.20
C ARG B 24 -21.18 2.97 -10.06
N ASP B 25 -20.46 4.00 -9.61
CA ASP B 25 -19.59 3.96 -8.42
C ASP B 25 -20.33 3.43 -7.18
N GLY B 26 -21.55 3.91 -6.96
CA GLY B 26 -22.39 3.45 -5.84
C GLY B 26 -22.82 2.00 -5.96
N ALA B 27 -22.87 1.51 -7.20
CA ALA B 27 -23.24 0.11 -7.44
C ALA B 27 -22.02 -0.85 -7.49
N ALA B 28 -20.85 -0.34 -7.82
CA ALA B 28 -19.71 -1.25 -7.99
C ALA B 28 -18.74 -1.27 -6.80
N ILE B 29 -18.67 -0.14 -6.09
CA ILE B 29 -17.67 0.09 -5.06
C ILE B 29 -18.29 0.26 -3.68
N GLY B 30 -17.84 -0.55 -2.73
CA GLY B 30 -18.34 -0.49 -1.36
C GLY B 30 -18.06 0.84 -0.69
N ASN B 31 -18.85 1.11 0.34
CA ASN B 31 -18.77 2.36 1.08
C ASN B 31 -17.57 2.41 2.02
N LEU B 32 -17.03 1.23 2.33
CA LEU B 32 -15.91 1.07 3.27
C LEU B 32 -14.74 2.05 3.15
N GLN B 33 -14.36 2.41 1.93
CA GLN B 33 -13.24 3.33 1.73
C GLN B 33 -13.69 4.70 1.25
N LYS B 34 -15.00 4.94 1.25
CA LYS B 34 -15.52 6.20 0.73
C LYS B 34 -15.53 7.30 1.76
N LEU B 35 -15.05 8.46 1.32
CA LEU B 35 -15.00 9.67 2.10
C LEU B 35 -15.55 10.75 1.19
N ARG B 36 -16.86 10.64 0.95
CA ARG B 36 -17.50 11.45 -0.07
C ARG B 36 -18.23 12.62 0.57
N PHE B 37 -18.02 13.80 -0.02
CA PHE B 37 -18.65 15.03 0.43
C PHE B 37 -19.65 15.58 -0.60
N PHE B 38 -19.59 15.07 -1.84
CA PHE B 38 -20.45 15.50 -2.95
C PHE B 38 -20.23 14.56 -4.15
N PRO B 39 -21.17 14.58 -5.14
CA PRO B 39 -21.10 13.58 -6.20
C PRO B 39 -20.03 13.88 -7.26
N LEU B 40 -18.80 14.12 -6.82
CA LEU B 40 -17.69 14.30 -7.74
C LEU B 40 -17.32 12.98 -8.45
N ALA B 41 -17.34 13.02 -9.77
CA ALA B 41 -17.13 11.87 -10.62
C ALA B 41 -16.19 12.30 -11.73
N ILE B 42 -15.00 11.70 -11.77
CA ILE B 42 -13.91 12.23 -12.57
C ILE B 42 -13.53 11.28 -13.69
N SER B 43 -13.30 11.82 -14.89
CA SER B 43 -12.86 11.02 -16.02
C SER B 43 -11.52 11.51 -16.57
N GLY B 44 -11.08 12.68 -16.12
CA GLY B 44 -9.79 13.23 -16.56
C GLY B 44 -9.18 14.29 -15.65
N GLY B 45 -8.00 14.78 -16.05
CA GLY B 45 -7.26 15.75 -15.26
C GLY B 45 -6.17 16.44 -16.07
N ARG B 46 -6.01 17.74 -15.84
CA ARG B 46 -5.02 18.55 -16.54
C ARG B 46 -4.64 19.68 -15.62
N GLY B 47 -3.35 19.78 -15.30
CA GLY B 47 -2.84 20.79 -14.38
C GLY B 47 -3.48 20.69 -13.00
N ALA B 48 -4.14 21.76 -12.59
CA ALA B 48 -4.80 21.77 -11.29
C ALA B 48 -6.31 21.58 -11.47
N ARG B 49 -6.70 21.08 -12.64
CA ARG B 49 -8.09 20.86 -12.95
C ARG B 49 -8.44 19.39 -13.03
N LEU B 50 -9.62 19.07 -12.51
CA LEU B 50 -10.23 17.76 -12.67
C LEU B 50 -11.34 17.91 -13.70
N ILE B 51 -11.60 16.83 -14.43
CA ILE B 51 -12.58 16.85 -15.50
C ILE B 51 -13.66 15.80 -15.26
N GLU B 52 -14.87 16.27 -15.00
CA GLU B 52 -15.99 15.40 -14.73
C GLU B 52 -16.43 14.66 -15.99
N GLU B 53 -17.15 13.56 -15.78
CA GLU B 53 -17.69 12.74 -16.87
C GLU B 53 -18.22 13.52 -18.08
N ASN B 54 -18.97 14.59 -17.83
CA ASN B 54 -19.54 15.40 -18.92
C ASN B 54 -18.57 16.34 -19.63
N GLY B 55 -17.48 16.71 -18.96
CA GLY B 55 -16.47 17.61 -19.54
C GLY B 55 -16.31 18.90 -18.77
N ARG B 56 -17.13 19.07 -17.73
CA ARG B 56 -17.03 20.21 -16.85
C ARG B 56 -15.67 20.21 -16.13
N GLU B 57 -15.02 21.38 -16.08
CA GLU B 57 -13.73 21.52 -15.41
C GLU B 57 -13.86 22.13 -14.00
N LEU B 58 -13.18 21.50 -13.04
CA LEU B 58 -13.15 21.98 -11.68
C LEU B 58 -11.70 22.26 -11.30
N ILE B 59 -11.49 23.31 -10.52
CA ILE B 59 -10.20 23.60 -9.92
C ILE B 59 -10.10 22.82 -8.61
N ASP B 60 -9.00 22.08 -8.47
CA ASP B 60 -8.81 21.18 -7.33
C ASP B 60 -7.94 21.84 -6.27
N LEU B 61 -8.56 22.33 -5.20
CA LEU B 61 -7.78 22.94 -4.13
C LEU B 61 -7.30 21.90 -3.12
N SER B 62 -7.77 20.67 -3.28
CA SER B 62 -7.37 19.61 -2.40
C SER B 62 -6.16 18.84 -2.90
N GLY B 63 -5.96 18.81 -4.21
CA GLY B 63 -4.89 18.04 -4.83
C GLY B 63 -4.87 16.61 -4.34
N ALA B 64 -6.06 16.02 -4.18
CA ALA B 64 -6.26 14.67 -3.62
C ALA B 64 -5.66 14.51 -2.23
N TRP B 65 -5.92 15.49 -1.39
CA TRP B 65 -5.34 15.55 -0.05
C TRP B 65 -3.84 15.83 -0.10
N GLY B 66 -3.37 16.40 -1.21
CA GLY B 66 -1.96 16.72 -1.36
C GLY B 66 -1.10 15.70 -2.13
N ALA B 67 -1.69 14.57 -2.54
CA ALA B 67 -0.98 13.54 -3.28
C ALA B 67 -0.58 13.99 -4.68
N ALA B 68 -1.40 14.83 -5.30
CA ALA B 68 -1.11 15.39 -6.63
C ALA B 68 -0.16 16.59 -6.53
N SER B 69 1.05 16.33 -6.05
CA SER B 69 2.03 17.38 -5.77
C SER B 69 2.31 18.23 -6.99
N LEU B 70 2.43 17.59 -8.15
CA LEU B 70 2.76 18.25 -9.40
C LEU B 70 1.53 18.38 -10.28
N GLY B 71 0.35 18.19 -9.71
CA GLY B 71 -0.90 18.27 -10.47
C GLY B 71 -1.15 17.06 -11.35
N TYR B 72 -1.86 17.27 -12.45
CA TYR B 72 -2.31 16.16 -13.28
C TYR B 72 -1.71 16.23 -14.67
N GLY B 73 -1.21 15.10 -15.16
CA GLY B 73 -0.61 15.04 -16.48
C GLY B 73 0.63 15.92 -16.63
N HIS B 74 1.34 16.15 -15.52
CA HIS B 74 2.62 16.87 -15.56
C HIS B 74 3.58 16.14 -16.50
N PRO B 75 4.29 16.89 -17.35
CA PRO B 75 5.15 16.26 -18.37
C PRO B 75 6.29 15.40 -17.79
N ALA B 76 6.80 15.77 -16.62
CA ALA B 76 7.90 15.05 -15.98
C ALA B 76 7.42 13.75 -15.36
N ILE B 77 6.19 13.74 -14.84
CA ILE B 77 5.53 12.50 -14.39
C ILE B 77 5.26 11.62 -15.58
N VAL B 78 4.60 12.17 -16.60
CA VAL B 78 4.31 11.46 -17.86
C VAL B 78 5.56 10.80 -18.46
N ALA B 79 6.62 11.59 -18.66
CA ALA B 79 7.87 11.07 -19.25
C ALA B 79 8.50 9.96 -18.39
N ALA B 80 8.63 10.22 -17.09
CA ALA B 80 9.16 9.27 -16.12
C ALA B 80 8.42 7.93 -16.08
N VAL B 81 7.10 8.01 -15.95
CA VAL B 81 6.28 6.81 -15.79
C VAL B 81 6.17 6.02 -17.09
N SER B 82 6.15 6.71 -18.22
CA SER B 82 6.11 6.06 -19.54
C SER B 82 7.38 5.28 -19.84
N ALA B 83 8.53 5.88 -19.52
CA ALA B 83 9.83 5.23 -19.76
C ALA B 83 9.99 4.04 -18.82
N ALA B 84 9.49 4.17 -17.59
CA ALA B 84 9.57 3.10 -16.60
C ALA B 84 8.71 1.91 -16.98
N ALA B 85 7.52 2.17 -17.49
CA ALA B 85 6.60 1.12 -17.89
C ALA B 85 7.14 0.40 -19.12
N ALA B 86 7.77 1.13 -20.01
CA ALA B 86 8.30 0.55 -21.24
C ALA B 86 9.50 -0.36 -20.94
N ASN B 87 10.36 0.05 -20.05
CA ASN B 87 11.48 -0.79 -19.64
C ASN B 87 11.66 -0.80 -18.12
N PRO B 88 10.87 -1.65 -17.41
CA PRO B 88 10.91 -1.71 -15.95
C PRO B 88 12.03 -2.58 -15.33
N ALA B 89 12.71 -2.01 -14.34
CA ALA B 89 13.73 -2.72 -13.59
C ALA B 89 13.12 -3.71 -12.59
N GLY B 90 12.45 -4.75 -13.09
CA GLY B 90 11.73 -5.67 -12.22
C GLY B 90 10.52 -4.99 -11.62
N ALA B 91 10.06 -5.45 -10.45
CA ALA B 91 8.85 -4.86 -9.86
C ALA B 91 8.96 -4.73 -8.35
N THR B 92 10.17 -4.90 -7.84
CA THR B 92 10.35 -5.04 -6.41
C THR B 92 11.77 -4.67 -5.95
N ILE B 93 11.86 -4.19 -4.71
CA ILE B 93 13.11 -3.99 -4.03
C ILE B 93 13.30 -5.13 -3.01
N LEU B 94 12.34 -6.04 -2.91
CA LEU B 94 12.43 -7.07 -1.86
C LEU B 94 13.55 -8.08 -2.16
N SER B 95 13.42 -8.79 -3.27
CA SER B 95 14.31 -9.89 -3.58
C SER B 95 15.31 -9.50 -4.66
N ALA B 96 15.33 -8.22 -5.00
CA ALA B 96 16.26 -7.71 -5.99
C ALA B 96 16.52 -6.25 -5.73
N SER B 97 17.72 -5.82 -6.04
CA SER B 97 18.03 -4.42 -6.10
C SER B 97 17.61 -3.93 -7.47
N ASN B 98 17.02 -2.74 -7.53
CA ASN B 98 16.68 -2.12 -8.80
C ASN B 98 17.14 -0.67 -8.78
N ALA B 99 17.56 -0.14 -9.92
CA ALA B 99 18.20 1.20 -10.02
C ALA B 99 17.28 2.40 -9.68
N PRO B 100 16.10 2.51 -10.33
CA PRO B 100 15.16 3.59 -9.99
C PRO B 100 14.95 3.80 -8.48
N ALA B 101 14.76 2.72 -7.73
CA ALA B 101 14.62 2.80 -6.28
C ALA B 101 15.92 3.23 -5.59
N VAL B 102 17.05 2.64 -6.01
CA VAL B 102 18.34 2.99 -5.40
C VAL B 102 18.70 4.47 -5.64
N THR B 103 18.49 4.94 -6.87
CA THR B 103 18.72 6.35 -7.21
C THR B 103 17.80 7.29 -6.40
N LEU B 104 16.55 6.89 -6.23
CA LEU B 104 15.60 7.65 -5.43
C LEU B 104 16.00 7.61 -3.97
N ALA B 105 16.50 6.47 -3.52
CA ALA B 105 16.91 6.35 -2.13
C ALA B 105 18.06 7.30 -1.79
N GLU B 106 19.03 7.41 -2.70
CA GLU B 106 20.21 8.29 -2.51
C GLU B 106 19.80 9.75 -2.62
N ARG B 107 18.91 10.03 -3.57
CA ARG B 107 18.37 11.39 -3.79
C ARG B 107 17.59 11.89 -2.57
N LEU B 108 16.81 11.00 -1.94
CA LEU B 108 16.18 11.32 -0.65
C LEU B 108 17.18 11.44 0.48
N LEU B 109 18.18 10.56 0.49
CA LEU B 109 19.28 10.60 1.48
C LEU B 109 20.08 11.91 1.44
N ALA B 110 20.46 12.34 0.23
CA ALA B 110 21.12 13.62 0.00
C ALA B 110 20.39 14.81 0.63
N SER B 111 19.06 14.83 0.53
CA SER B 111 18.26 15.97 0.95
C SER B 111 18.00 16.00 2.46
N PHE B 112 18.54 15.03 3.17
CA PHE B 112 18.33 14.91 4.61
C PHE B 112 19.63 15.11 5.46
N PRO B 113 19.65 16.13 6.33
CA PRO B 113 20.78 16.44 7.21
C PRO B 113 20.46 16.41 8.70
N GLY B 114 20.81 15.38 9.48
CA GLY B 114 21.81 14.34 9.27
C GLY B 114 21.96 13.83 10.71
N GLU B 115 23.00 13.06 11.06
CA GLU B 115 23.84 12.25 10.18
C GLU B 115 24.13 10.90 10.87
N GLY B 116 24.24 9.80 10.12
CA GLY B 116 23.91 9.79 8.69
C GLY B 116 25.00 9.21 7.81
N THR B 117 25.15 7.88 7.75
CA THR B 117 24.36 6.86 8.51
C THR B 117 22.81 6.96 8.62
N HIS B 118 22.14 7.06 7.48
CA HIS B 118 20.67 6.98 7.42
C HIS B 118 20.35 6.12 6.20
N LYS B 119 19.25 5.39 6.29
CA LYS B 119 18.85 4.55 5.17
C LYS B 119 17.37 4.72 4.82
N ILE B 120 17.00 4.28 3.63
CA ILE B 120 15.61 4.33 3.18
C ILE B 120 14.87 2.99 3.29
N TRP B 121 13.61 3.09 3.69
CA TRP B 121 12.63 2.01 3.56
C TRP B 121 11.53 2.56 2.66
N PHE B 122 11.13 1.79 1.66
CA PHE B 122 10.08 2.20 0.76
C PHE B 122 8.75 1.46 1.00
N GLY B 123 7.66 2.21 0.91
CA GLY B 123 6.32 1.61 1.01
C GLY B 123 5.35 2.09 -0.06
N HIS B 124 4.06 1.79 0.15
CA HIS B 124 3.01 2.22 -0.76
C HIS B 124 2.36 3.47 -0.24
N SER B 125 2.30 3.61 1.08
CA SER B 125 1.54 4.68 1.69
C SER B 125 2.14 5.19 2.98
N GLY B 126 1.61 6.31 3.45
CA GLY B 126 2.00 6.91 4.71
C GLY B 126 1.61 6.05 5.89
N SER B 127 0.54 5.27 5.71
CA SER B 127 0.04 4.33 6.70
C SER B 127 1.04 3.20 6.87
N ASP B 128 1.48 2.59 5.76
CA ASP B 128 2.44 1.50 5.89
C ASP B 128 3.84 1.97 6.33
N ALA B 129 4.16 3.23 6.05
CA ALA B 129 5.44 3.80 6.45
C ALA B 129 5.49 4.16 7.93
N ASN B 130 4.45 4.77 8.48
CA ASN B 130 4.39 4.99 9.93
C ASN B 130 4.39 3.70 10.73
N GLU B 131 3.74 2.69 10.19
CA GLU B 131 3.68 1.40 10.84
C GLU B 131 5.08 0.77 10.82
N ALA B 132 5.74 0.81 9.65
CA ALA B 132 7.10 0.29 9.51
C ALA B 132 8.04 0.98 10.47
N ALA B 133 7.98 2.31 10.52
CA ALA B 133 8.81 3.12 11.42
C ALA B 133 8.65 2.64 12.86
N TYR B 134 7.40 2.49 13.29
CA TYR B 134 7.12 2.03 14.63
C TYR B 134 7.68 0.64 14.93
N ARG B 135 7.33 -0.33 14.08
CA ARG B 135 7.73 -1.72 14.27
C ARG B 135 9.27 -1.90 14.26
N ALA B 136 9.94 -1.16 13.39
CA ALA B 136 11.38 -1.10 13.34
C ALA B 136 11.99 -0.54 14.64
N ILE B 137 11.37 0.48 15.23
CA ILE B 137 11.88 1.09 16.45
C ILE B 137 11.79 0.10 17.62
N VAL B 138 10.59 -0.47 17.79
CA VAL B 138 10.33 -1.45 18.82
C VAL B 138 11.26 -2.66 18.69
N LYS B 139 11.47 -3.10 17.45
CA LYS B 139 12.37 -4.20 17.16
C LYS B 139 13.83 -3.86 17.48
N ALA B 140 14.24 -2.66 17.09
CA ALA B 140 15.64 -2.26 17.18
C ALA B 140 16.04 -1.93 18.60
N THR B 141 15.07 -1.48 19.40
CA THR B 141 15.33 -0.95 20.74
C THR B 141 14.67 -1.74 21.88
N GLY B 142 13.60 -2.47 21.61
CA GLY B 142 12.86 -3.15 22.69
C GLY B 142 11.87 -2.27 23.44
N ARG B 143 11.85 -0.99 23.09
CA ARG B 143 11.00 -0.01 23.76
C ARG B 143 9.70 0.21 22.95
N SER B 144 8.57 -0.26 23.49
CA SER B 144 7.30 -0.22 22.76
C SER B 144 6.41 1.00 23.04
N GLY B 145 6.72 1.76 24.09
CA GLY B 145 5.98 2.98 24.39
C GLY B 145 6.10 4.05 23.31
N VAL B 146 5.03 4.83 23.13
CA VAL B 146 4.93 5.81 22.05
C VAL B 146 4.27 7.06 22.57
N ILE B 147 4.86 8.22 22.27
CA ILE B 147 4.17 9.50 22.42
C ILE B 147 3.58 9.88 21.07
N ALA B 148 2.33 10.33 21.09
CA ALA B 148 1.65 10.85 19.91
C ALA B 148 0.72 11.97 20.34
N PHE B 149 0.23 12.76 19.40
CA PHE B 149 -0.68 13.86 19.71
C PHE B 149 -2.17 13.52 19.51
N ALA B 150 -3.01 13.97 20.43
CA ALA B 150 -4.47 13.85 20.28
C ALA B 150 -4.90 14.43 18.93
N GLY B 151 -5.75 13.69 18.22
CA GLY B 151 -6.26 14.15 16.94
C GLY B 151 -5.27 13.89 15.84
N ALA B 152 -4.29 13.04 16.13
CA ALA B 152 -3.20 12.75 15.20
C ALA B 152 -3.68 11.74 14.16
N TYR B 153 -3.31 11.98 12.91
CA TYR B 153 -3.58 11.03 11.85
C TYR B 153 -2.27 10.44 11.32
N HIS B 154 -1.99 9.20 11.71
CA HIS B 154 -0.79 8.51 11.23
C HIS B 154 -1.12 7.40 10.23
N GLY B 155 -2.38 7.00 10.16
CA GLY B 155 -2.81 6.02 9.18
C GLY B 155 -4.02 5.20 9.54
N CYS B 156 -4.47 4.41 8.57
CA CYS B 156 -5.68 3.62 8.70
C CYS B 156 -5.44 2.11 8.65
N THR B 157 -4.19 1.68 8.89
CA THR B 157 -3.91 0.26 9.07
C THR B 157 -3.92 -0.05 10.55
N VAL B 158 -4.14 -1.31 10.90
CA VAL B 158 -4.16 -1.73 12.30
C VAL B 158 -2.89 -1.31 13.05
N GLY B 159 -1.75 -1.37 12.36
CA GLY B 159 -0.45 -0.97 12.92
C GLY B 159 -0.32 0.52 13.17
N SER B 160 -0.73 1.34 12.20
CA SER B 160 -0.54 2.78 12.27
C SER B 160 -1.68 3.47 13.00
N MET B 161 -2.83 2.82 13.10
CA MET B 161 -3.93 3.33 13.92
C MET B 161 -3.66 3.13 15.40
N ALA B 162 -2.80 2.17 15.74
CA ALA B 162 -2.50 1.83 17.13
C ALA B 162 -1.98 3.03 17.92
N PHE B 163 -1.34 3.97 17.24
CA PHE B 163 -0.81 5.18 17.88
C PHE B 163 -1.38 6.51 17.33
N SER B 164 -2.34 6.40 16.41
CA SER B 164 -3.12 7.57 15.98
C SER B 164 -4.11 7.99 17.07
N GLY B 165 -4.73 9.17 16.90
CA GLY B 165 -5.71 9.69 17.86
C GLY B 165 -7.05 8.96 17.84
N HIS B 166 -7.81 9.11 18.94
CA HIS B 166 -9.14 8.51 19.08
C HIS B 166 -10.23 9.38 18.46
N ALA B 175 -2.56 0.66 20.87
CA ALA B 175 -1.24 0.30 21.36
C ALA B 175 -1.13 0.42 22.88
N ASP B 176 -0.31 -0.44 23.48
CA ASP B 176 -0.03 -0.32 24.91
C ASP B 176 1.22 0.54 25.11
N GLY B 177 1.17 1.41 26.12
CA GLY B 177 2.23 2.38 26.34
C GLY B 177 2.10 3.57 25.40
N LEU B 178 0.88 3.82 24.94
CA LEU B 178 0.59 4.99 24.12
C LEU B 178 0.29 6.11 25.08
N ILE B 179 0.96 7.24 24.88
CA ILE B 179 0.74 8.45 25.66
C ILE B 179 0.28 9.52 24.70
N LEU B 180 -0.93 10.02 24.91
CA LEU B 180 -1.51 11.05 24.05
C LEU B 180 -1.42 12.42 24.71
N LEU B 181 -0.88 13.37 23.96
CA LEU B 181 -0.77 14.75 24.38
C LEU B 181 -1.65 15.67 23.54
N PRO B 182 -2.21 16.74 24.16
CA PRO B 182 -2.87 17.81 23.40
C PRO B 182 -1.93 18.42 22.37
N TYR B 183 -2.44 18.75 21.19
CA TYR B 183 -1.65 19.50 20.22
C TYR B 183 -1.52 20.97 20.65
N PRO B 184 -0.34 21.55 20.47
CA PRO B 184 -0.15 22.96 20.76
C PRO B 184 -0.95 23.86 19.79
N ASP B 185 -2.24 24.02 20.06
CA ASP B 185 -3.14 24.72 19.12
C ASP B 185 -3.37 26.19 19.52
N PRO B 186 -2.76 27.15 18.77
CA PRO B 186 -2.85 28.58 19.08
C PRO B 186 -4.29 29.07 19.21
N TYR B 187 -5.16 28.59 18.32
CA TYR B 187 -6.57 29.00 18.29
C TYR B 187 -7.39 28.44 19.46
N ARG B 188 -6.98 27.30 20.00
CA ARG B 188 -7.66 26.69 21.15
C ARG B 188 -6.63 26.15 22.14
N PRO B 189 -5.95 27.04 22.88
CA PRO B 189 -4.80 26.60 23.68
C PRO B 189 -5.21 25.69 24.81
N TYR B 190 -4.47 24.59 24.96
CA TYR B 190 -4.67 23.69 26.09
C TYR B 190 -4.56 24.44 27.41
N ARG B 191 -5.58 24.28 28.25
CA ARG B 191 -5.57 24.83 29.60
C ARG B 191 -5.45 26.36 29.54
N ASN B 192 -5.86 26.90 28.38
CA ASN B 192 -5.82 28.33 28.07
C ASN B 192 -4.45 29.00 28.26
N ASP B 193 -3.37 28.23 28.06
CA ASP B 193 -1.97 28.69 28.07
C ASP B 193 -1.42 28.77 26.62
N PRO B 194 -1.32 30.00 26.06
CA PRO B 194 -0.92 30.19 24.67
C PRO B 194 0.51 29.77 24.30
N THR B 195 1.41 29.67 25.27
CA THR B 195 2.80 29.24 24.98
C THR B 195 2.92 27.75 24.66
N GLY B 196 2.06 26.94 25.27
CA GLY B 196 2.13 25.49 25.18
C GLY B 196 2.86 24.90 26.38
N ASP B 197 3.40 25.77 27.23
CA ASP B 197 4.16 25.32 28.40
C ASP B 197 3.43 24.29 29.23
N ALA B 198 2.09 24.33 29.21
CA ALA B 198 1.29 23.40 29.96
C ALA B 198 1.37 22.00 29.36
N ILE B 199 1.44 21.92 28.03
CA ILE B 199 1.57 20.65 27.33
C ILE B 199 2.90 19.99 27.64
N LEU B 200 3.98 20.79 27.65
CA LEU B 200 5.33 20.28 27.99
C LEU B 200 5.41 19.86 29.44
N THR B 201 4.67 20.55 30.29
CA THR B 201 4.53 20.20 31.71
C THR B 201 3.76 18.89 31.88
N LEU B 202 2.75 18.66 31.04
CA LEU B 202 1.96 17.44 31.04
C LEU B 202 2.82 16.28 30.56
N LEU B 203 3.57 16.52 29.47
CA LEU B 203 4.54 15.56 28.96
C LEU B 203 5.41 15.03 30.09
N THR B 204 5.93 15.98 30.86
CA THR B 204 6.85 15.73 31.96
C THR B 204 6.20 14.90 33.08
N GLU B 205 4.96 15.24 33.41
CA GLU B 205 4.19 14.45 34.36
C GLU B 205 3.90 13.05 33.81
N LYS B 206 3.66 12.94 32.51
CA LYS B 206 3.30 11.65 31.91
C LYS B 206 4.50 10.70 31.84
N LEU B 207 5.67 11.24 31.52
CA LEU B 207 6.92 10.48 31.36
C LEU B 207 7.44 9.85 32.66
N ALA B 208 7.26 10.54 33.78
CA ALA B 208 7.71 10.04 35.07
C ALA B 208 6.71 9.10 35.75
N ALA B 209 5.51 8.95 35.17
CA ALA B 209 4.55 7.95 35.62
C ALA B 209 4.81 6.60 34.92
N VAL B 210 5.94 6.51 34.22
CA VAL B 210 6.21 5.41 33.31
C VAL B 210 7.70 5.06 33.40
N PRO B 211 8.05 3.76 33.36
CA PRO B 211 9.44 3.34 33.58
C PRO B 211 10.45 4.10 32.73
N ALA B 212 11.53 4.53 33.36
CA ALA B 212 12.61 5.19 32.65
C ALA B 212 13.06 4.30 31.49
N GLY B 213 13.19 4.90 30.31
CA GLY B 213 13.60 4.16 29.11
C GLY B 213 12.56 3.24 28.46
N SER B 214 11.29 3.38 28.80
CA SER B 214 10.27 2.47 28.25
C SER B 214 9.60 2.95 26.95
N ILE B 215 9.74 4.24 26.66
CA ILE B 215 9.18 4.88 25.46
C ILE B 215 10.25 4.92 24.39
N GLY B 216 9.96 4.36 23.22
CA GLY B 216 10.94 4.33 22.15
C GLY B 216 10.80 5.46 21.16
N ALA B 217 9.62 6.06 21.06
CA ALA B 217 9.34 6.97 19.95
C ALA B 217 8.29 8.02 20.25
N ALA B 218 8.47 9.17 19.61
CA ALA B 218 7.52 10.27 19.66
C ALA B 218 7.14 10.58 18.22
N PHE B 219 5.86 10.43 17.92
CA PHE B 219 5.34 10.75 16.59
C PHE B 219 4.78 12.17 16.52
N ILE B 220 5.30 12.95 15.58
CA ILE B 220 5.00 14.37 15.45
C ILE B 220 4.55 14.75 14.05
N GLU B 221 3.42 15.43 13.96
CA GLU B 221 3.10 16.17 12.74
C GLU B 221 3.54 17.62 12.94
N PRO B 222 4.39 18.16 12.03
CA PRO B 222 4.90 19.53 12.14
C PRO B 222 3.81 20.59 11.93
N ILE B 223 2.80 20.23 11.14
CA ILE B 223 1.52 20.93 11.03
C ILE B 223 0.53 19.78 11.09
N GLN B 224 -0.40 19.82 12.06
CA GLN B 224 -1.37 18.75 12.27
C GLN B 224 -2.53 18.78 11.28
N SER B 225 -2.56 17.80 10.39
CA SER B 225 -3.52 17.74 9.28
C SER B 225 -4.97 17.52 9.70
N ASP B 226 -5.23 16.37 10.34
CA ASP B 226 -6.58 15.93 10.72
C ASP B 226 -7.19 16.72 11.88
N GLY B 227 -6.34 17.34 12.69
CA GLY B 227 -6.81 18.22 13.76
C GLY B 227 -7.38 19.54 13.26
N GLY B 228 -7.04 19.89 12.02
CA GLY B 228 -7.50 21.15 11.44
C GLY B 228 -6.36 21.99 10.90
N LEU B 229 -5.41 21.32 10.23
CA LEU B 229 -4.26 21.98 9.64
C LEU B 229 -3.57 22.96 10.63
N ILE B 230 -3.34 22.48 11.85
CA ILE B 230 -2.85 23.30 12.95
C ILE B 230 -1.33 23.53 12.94
N VAL B 231 -0.92 24.78 12.78
CA VAL B 231 0.48 25.18 12.97
C VAL B 231 0.68 25.37 14.45
N PRO B 232 1.65 24.65 15.07
CA PRO B 232 1.92 24.80 16.51
C PRO B 232 2.61 26.13 16.82
N PRO B 233 2.52 26.61 18.10
CA PRO B 233 3.21 27.85 18.51
C PRO B 233 4.69 27.74 18.32
N ASP B 234 5.25 28.84 17.83
CA ASP B 234 6.66 28.96 17.53
C ASP B 234 7.44 28.47 18.73
N GLY B 235 8.48 27.67 18.46
CA GLY B 235 9.40 27.18 19.49
C GLY B 235 8.98 25.92 20.23
N PHE B 236 7.71 25.54 20.10
CA PHE B 236 7.19 24.39 20.87
C PHE B 236 7.81 23.05 20.44
N LEU B 237 7.83 22.77 19.14
CA LEU B 237 8.37 21.49 18.67
C LEU B 237 9.85 21.27 19.02
N ARG B 238 10.65 22.32 18.96
CA ARG B 238 12.06 22.29 19.32
C ARG B 238 12.23 21.87 20.79
N LYS B 239 11.40 22.46 21.65
CA LYS B 239 11.40 22.16 23.07
C LYS B 239 10.95 20.74 23.32
N PHE B 240 9.85 20.36 22.67
CA PHE B 240 9.32 19.01 22.74
C PHE B 240 10.36 17.98 22.32
N ALA B 241 11.05 18.25 21.21
CA ALA B 241 12.13 17.38 20.75
C ALA B 241 13.25 17.29 21.79
N ASP B 242 13.55 18.38 22.48
CA ASP B 242 14.66 18.41 23.44
C ASP B 242 14.37 17.56 24.65
N ILE B 243 13.12 17.58 25.09
CA ILE B 243 12.64 16.72 26.16
C ILE B 243 12.75 15.25 25.75
N CYS B 244 12.32 14.96 24.52
CA CYS B 244 12.41 13.63 23.92
C CYS B 244 13.85 13.10 23.83
N ARG B 245 14.73 13.85 23.16
CA ARG B 245 16.16 13.50 23.11
C ARG B 245 16.81 13.29 24.51
N ALA B 246 16.39 14.06 25.50
CA ALA B 246 16.90 13.91 26.86
C ALA B 246 16.45 12.62 27.55
N HIS B 247 15.38 11.99 27.04
CA HIS B 247 14.80 10.78 27.66
C HIS B 247 15.03 9.49 26.86
N GLY B 248 15.86 9.57 25.81
CA GLY B 248 16.21 8.41 25.01
C GLY B 248 15.27 8.17 23.82
N ILE B 249 14.15 8.92 23.81
CA ILE B 249 13.06 8.77 22.85
C ILE B 249 13.39 9.28 21.43
N LEU B 250 13.25 8.41 20.44
CA LEU B 250 13.44 8.80 19.03
C LEU B 250 12.30 9.72 18.55
N VAL B 251 12.64 10.82 17.88
CA VAL B 251 11.65 11.76 17.38
C VAL B 251 11.32 11.48 15.91
N VAL B 252 10.07 11.07 15.66
CA VAL B 252 9.61 10.73 14.32
C VAL B 252 8.74 11.85 13.74
N CYS B 253 9.21 12.42 12.66
CA CYS B 253 8.48 13.47 11.99
C CYS B 253 7.67 12.90 10.81
N ASP B 254 6.36 12.87 10.99
CA ASP B 254 5.42 12.37 10.00
C ASP B 254 5.11 13.52 9.05
N GLU B 255 5.82 13.60 7.93
CA GLU B 255 5.61 14.67 6.94
C GLU B 255 4.89 14.20 5.67
N VAL B 256 3.96 13.26 5.83
CA VAL B 256 3.19 12.74 4.69
C VAL B 256 2.36 13.85 4.02
N LYS B 257 1.60 14.61 4.81
CA LYS B 257 0.77 15.68 4.28
C LYS B 257 1.58 16.93 3.88
N VAL B 258 2.43 17.38 4.77
CA VAL B 258 3.05 18.70 4.63
C VAL B 258 4.50 18.61 4.11
N GLY B 259 4.91 17.42 3.69
CA GLY B 259 6.29 17.17 3.31
C GLY B 259 6.61 17.72 1.95
N LEU B 260 7.89 17.66 1.60
CA LEU B 260 8.41 17.94 0.26
C LEU B 260 7.90 19.21 -0.40
N ALA B 261 8.39 20.35 0.08
CA ALA B 261 8.16 21.67 -0.52
C ALA B 261 6.83 22.34 -0.16
N ARG B 262 5.86 21.56 0.31
CA ARG B 262 4.52 22.12 0.46
C ARG B 262 4.50 23.28 1.45
N SER B 263 5.32 23.17 2.50
CA SER B 263 5.38 24.18 3.55
C SER B 263 6.11 25.44 3.11
N GLY B 264 6.74 25.41 1.93
CA GLY B 264 7.52 26.54 1.47
C GLY B 264 9.00 26.34 1.75
N ARG B 265 9.33 25.18 2.32
CA ARG B 265 10.70 24.70 2.49
C ARG B 265 10.64 23.26 2.04
N LEU B 266 11.79 22.68 1.67
CA LEU B 266 11.82 21.30 1.24
C LEU B 266 11.19 20.38 2.27
N HIS B 267 11.57 20.55 3.54
CA HIS B 267 11.04 19.75 4.62
C HIS B 267 10.41 20.69 5.63
N CYS B 268 9.27 20.30 6.20
CA CYS B 268 8.55 21.17 7.09
C CYS B 268 9.28 21.46 8.44
N PHE B 269 10.04 20.49 8.95
CA PHE B 269 10.82 20.70 10.19
C PHE B 269 11.84 21.85 10.06
N GLU B 270 12.19 22.23 8.83
CA GLU B 270 13.10 23.36 8.64
C GLU B 270 12.53 24.67 9.20
N HIS B 271 11.22 24.70 9.46
CA HIS B 271 10.57 25.86 10.09
C HIS B 271 10.71 25.85 11.60
N GLU B 272 11.01 24.69 12.18
CA GLU B 272 10.83 24.52 13.61
C GLU B 272 12.11 24.39 14.42
N GLY B 273 13.24 24.56 13.77
CA GLY B 273 14.53 24.64 14.46
C GLY B 273 14.97 23.36 15.14
N PHE B 274 14.59 22.22 14.58
CA PHE B 274 15.01 20.92 15.07
C PHE B 274 15.09 19.95 13.89
N VAL B 275 15.82 18.86 14.08
CA VAL B 275 15.94 17.82 13.07
C VAL B 275 15.40 16.54 13.70
N PRO B 276 14.45 15.87 13.03
CA PRO B 276 13.97 14.62 13.59
C PRO B 276 14.99 13.50 13.35
N ASP B 277 14.96 12.49 14.20
CA ASP B 277 15.72 11.27 13.99
C ASP B 277 15.17 10.48 12.82
N ILE B 278 13.87 10.57 12.59
CA ILE B 278 13.25 9.81 11.52
C ILE B 278 12.25 10.65 10.73
N LEU B 279 12.36 10.58 9.41
CA LEU B 279 11.42 11.28 8.55
C LEU B 279 10.50 10.29 7.80
N VAL B 280 9.18 10.47 7.95
CA VAL B 280 8.20 9.68 7.18
C VAL B 280 7.59 10.52 6.06
N LEU B 281 7.63 9.97 4.86
CA LEU B 281 7.15 10.68 3.67
C LEU B 281 6.06 9.84 2.99
N GLY B 282 5.18 10.52 2.25
CA GLY B 282 4.12 9.85 1.50
C GLY B 282 3.39 10.78 0.54
N LYS B 283 2.16 10.40 0.19
CA LYS B 283 1.26 11.18 -0.69
C LYS B 283 1.97 11.80 -1.89
N GLY B 284 2.21 13.10 -1.78
CA GLY B 284 2.83 13.92 -2.81
C GLY B 284 4.14 13.39 -3.36
N LEU B 285 4.83 12.59 -2.55
CA LEU B 285 6.06 11.90 -2.99
C LEU B 285 5.86 11.16 -4.30
N GLY B 286 4.79 10.39 -4.41
CA GLY B 286 4.51 9.63 -5.65
C GLY B 286 3.94 10.45 -6.80
N GLY B 287 3.63 11.72 -6.52
CA GLY B 287 3.01 12.61 -7.50
C GLY B 287 1.73 12.08 -8.17
N GLY B 288 1.10 11.06 -7.58
CA GLY B 288 -0.01 10.38 -8.24
C GLY B 288 -0.01 8.87 -8.22
N LEU B 289 1.14 8.29 -7.84
CA LEU B 289 1.33 6.85 -7.70
C LEU B 289 1.56 6.52 -6.21
N PRO B 290 1.26 5.27 -5.80
CA PRO B 290 1.45 4.93 -4.39
C PRO B 290 2.95 4.85 -4.08
N LEU B 291 3.43 5.72 -3.17
CA LEU B 291 4.83 5.75 -2.75
C LEU B 291 5.02 6.45 -1.40
N SER B 292 5.64 5.73 -0.47
CA SER B 292 6.11 6.34 0.75
C SER B 292 7.55 5.93 1.07
N ALA B 293 8.11 6.52 2.12
CA ALA B 293 9.51 6.31 2.47
C ALA B 293 9.74 6.62 3.93
N VAL B 294 10.56 5.81 4.57
CA VAL B 294 11.08 6.16 5.88
C VAL B 294 12.57 6.39 5.78
N ILE B 295 12.99 7.56 6.24
CA ILE B 295 14.41 7.89 6.41
C ILE B 295 14.71 7.78 7.89
N ALA B 296 15.57 6.83 8.24
CA ALA B 296 15.81 6.44 9.62
C ALA B 296 17.27 6.00 9.82
N PRO B 297 17.83 6.16 11.03
CA PRO B 297 19.24 5.80 11.16
C PRO B 297 19.47 4.33 10.79
N ALA B 298 20.62 4.07 10.17
CA ALA B 298 20.98 2.73 9.67
C ALA B 298 20.78 1.60 10.65
N GLU B 299 21.01 1.89 11.92
CA GLU B 299 20.92 0.92 13.01
C GLU B 299 19.48 0.50 13.29
N ILE B 300 18.54 1.37 12.92
CA ILE B 300 17.13 1.07 13.08
C ILE B 300 16.65 0.16 11.93
N LEU B 301 17.07 0.49 10.71
CA LEU B 301 16.62 -0.25 9.52
C LEU B 301 17.38 -1.54 9.23
N ASP B 302 18.56 -1.70 9.83
CA ASP B 302 19.38 -2.90 9.62
C ASP B 302 19.25 -3.99 10.71
N CYS B 303 18.46 -3.71 11.75
CA CYS B 303 18.29 -4.65 12.88
C CYS B 303 17.58 -5.94 12.49
N ALA B 304 16.91 -5.91 11.34
CA ALA B 304 16.21 -7.10 10.86
C ALA B 304 16.17 -7.10 9.35
N SER B 305 15.90 -8.28 8.80
CA SER B 305 15.72 -8.45 7.38
C SER B 305 14.40 -9.23 7.18
N ALA B 306 13.85 -9.15 5.96
CA ALA B 306 12.58 -9.78 5.59
C ALA B 306 11.49 -9.50 6.64
N PHE B 307 11.47 -8.27 7.15
CA PHE B 307 10.72 -7.98 8.36
C PHE B 307 9.43 -7.21 8.10
N ALA B 308 9.53 -6.03 7.51
CA ALA B 308 8.34 -5.28 7.12
C ALA B 308 8.32 -5.12 5.60
N MET B 309 7.57 -6.00 4.93
CA MET B 309 7.68 -6.12 3.48
C MET B 309 6.38 -6.48 2.75
N GLN B 310 6.24 -5.86 1.58
CA GLN B 310 5.14 -6.13 0.68
C GLN B 310 5.70 -6.18 -0.72
N THR B 311 5.12 -7.04 -1.55
CA THR B 311 5.72 -7.48 -2.81
C THR B 311 6.19 -6.32 -3.70
N LEU B 312 5.33 -5.32 -3.91
CA LEU B 312 5.60 -4.25 -4.88
C LEU B 312 6.26 -3.04 -4.23
N HIS B 313 6.73 -3.17 -2.99
CA HIS B 313 7.49 -2.08 -2.39
C HIS B 313 8.75 -1.77 -3.19
N GLY B 314 8.97 -0.49 -3.46
CA GLY B 314 10.14 -0.05 -4.21
C GLY B 314 10.06 -0.45 -5.67
N ASN B 315 8.84 -0.66 -6.18
CA ASN B 315 8.64 -0.96 -7.61
C ASN B 315 9.11 0.19 -8.49
N PRO B 316 9.65 -0.15 -9.69
CA PRO B 316 10.35 0.87 -10.50
C PRO B 316 9.45 1.98 -11.04
N ILE B 317 8.19 1.67 -11.35
CA ILE B 317 7.31 2.72 -11.88
C ILE B 317 7.01 3.79 -10.80
N SER B 318 6.66 3.36 -9.59
CA SER B 318 6.42 4.30 -8.50
C SER B 318 7.66 5.12 -8.17
N ALA B 319 8.82 4.48 -8.18
CA ALA B 319 10.09 5.13 -7.84
C ALA B 319 10.47 6.17 -8.87
N ALA B 320 10.23 5.85 -10.15
CA ALA B 320 10.47 6.79 -11.26
C ALA B 320 9.70 8.09 -11.09
N ALA B 321 8.41 7.99 -10.76
CA ALA B 321 7.55 9.15 -10.50
C ALA B 321 8.06 9.94 -9.31
N GLY B 322 8.47 9.20 -8.27
CA GLY B 322 9.00 9.80 -7.06
C GLY B 322 10.21 10.66 -7.38
N LEU B 323 11.04 10.17 -8.29
CA LEU B 323 12.24 10.88 -8.70
C LEU B 323 11.87 12.09 -9.54
N ALA B 324 10.84 11.97 -10.37
CA ALA B 324 10.31 13.11 -11.14
C ALA B 324 9.73 14.22 -10.26
N VAL B 325 9.19 13.86 -9.10
CA VAL B 325 8.72 14.85 -8.14
C VAL B 325 9.93 15.61 -7.57
N LEU B 326 10.95 14.87 -7.15
CA LEU B 326 12.14 15.48 -6.55
C LEU B 326 12.91 16.34 -7.53
N GLU B 327 13.04 15.86 -8.76
CA GLU B 327 13.75 16.60 -9.80
C GLU B 327 13.00 17.89 -10.12
N THR B 328 11.69 17.80 -10.20
CA THR B 328 10.85 18.96 -10.48
C THR B 328 10.86 19.97 -9.32
N ILE B 329 10.83 19.46 -8.08
CA ILE B 329 11.00 20.34 -6.89
C ILE B 329 12.26 21.20 -7.00
N ASP B 330 13.39 20.55 -7.26
CA ASP B 330 14.67 21.19 -7.42
C ASP B 330 14.66 22.12 -8.64
N ARG B 331 14.27 21.59 -9.79
CA ARG B 331 14.31 22.33 -11.05
C ARG B 331 13.43 23.58 -11.07
N ASP B 332 12.24 23.51 -10.49
CA ASP B 332 11.30 24.63 -10.48
C ASP B 332 11.33 25.46 -9.20
N ASP B 333 12.31 25.21 -8.34
CA ASP B 333 12.30 25.77 -6.97
C ASP B 333 10.88 25.80 -6.37
N LEU B 334 10.27 24.62 -6.26
CA LEU B 334 8.90 24.53 -5.78
C LEU B 334 8.68 24.97 -4.33
N PRO B 335 9.67 24.79 -3.42
CA PRO B 335 9.47 25.39 -2.09
C PRO B 335 9.23 26.90 -2.16
N ALA B 336 10.00 27.58 -3.01
CA ALA B 336 9.90 29.04 -3.22
C ALA B 336 8.57 29.40 -3.85
N MET B 337 8.15 28.61 -4.84
CA MET B 337 6.82 28.71 -5.44
C MET B 337 5.68 28.51 -4.43
N ALA B 338 5.75 27.45 -3.63
CA ALA B 338 4.73 27.16 -2.61
C ALA B 338 4.65 28.25 -1.56
N GLU B 339 5.79 28.84 -1.21
CA GLU B 339 5.87 30.00 -0.33
C GLU B 339 5.13 31.22 -0.92
N ARG B 340 5.44 31.55 -2.18
CA ARG B 340 4.75 32.59 -2.93
C ARG B 340 3.25 32.38 -3.09
N LYS B 341 2.89 31.25 -3.69
CA LYS B 341 1.49 30.95 -3.96
C LYS B 341 0.65 30.83 -2.68
N GLY B 342 1.30 30.46 -1.59
CA GLY B 342 0.63 30.32 -0.31
C GLY B 342 0.30 31.65 0.32
N ARG B 343 1.18 32.64 0.20
CA ARG B 343 0.85 33.99 0.67
C ARG B 343 -0.27 34.59 -0.18
N LEU B 344 -0.15 34.45 -1.50
CA LEU B 344 -1.24 34.86 -2.39
C LEU B 344 -2.57 34.23 -1.94
N LEU B 345 -2.58 32.91 -1.73
CA LEU B 345 -3.80 32.24 -1.26
C LEU B 345 -4.28 32.76 0.10
N ARG B 346 -3.38 32.91 1.07
CA ARG B 346 -3.80 33.39 2.39
C ARG B 346 -4.29 34.85 2.40
N ASP B 347 -3.59 35.72 1.65
CA ASP B 347 -4.03 37.10 1.38
C ASP B 347 -5.49 37.11 0.98
N GLY B 348 -5.81 36.33 -0.04
CA GLY B 348 -7.14 36.27 -0.62
C GLY B 348 -8.17 35.76 0.36
N LEU B 349 -7.78 34.82 1.20
CA LEU B 349 -8.66 34.26 2.21
C LEU B 349 -8.96 35.24 3.32
N SER B 350 -8.00 36.11 3.63
CA SER B 350 -8.19 37.20 4.61
C SER B 350 -9.19 38.20 4.06
N GLU B 351 -9.01 38.51 2.78
CA GLU B 351 -9.94 39.28 1.98
C GLU B 351 -11.37 38.78 2.13
N LEU B 352 -11.54 37.46 2.10
CA LEU B 352 -12.84 36.83 2.35
C LEU B 352 -13.34 36.95 3.78
N ALA B 353 -12.42 36.90 4.75
CA ALA B 353 -12.78 37.06 6.16
C ALA B 353 -13.44 38.41 6.40
N LYS B 354 -12.89 39.44 5.74
CA LYS B 354 -13.38 40.81 5.86
C LYS B 354 -14.81 40.95 5.34
N ARG B 355 -15.32 39.90 4.69
CA ARG B 355 -16.67 39.91 4.12
C ARG B 355 -17.56 38.81 4.68
N HIS B 356 -16.95 37.73 5.18
CA HIS B 356 -17.70 36.56 5.67
C HIS B 356 -17.36 36.18 7.11
N PRO B 357 -18.23 36.55 8.06
CA PRO B 357 -18.15 36.29 9.51
C PRO B 357 -17.89 34.83 9.93
N LEU B 358 -18.20 33.86 9.07
CA LEU B 358 -17.97 32.45 9.39
C LEU B 358 -16.49 32.10 9.52
N ILE B 359 -15.65 32.77 8.72
CA ILE B 359 -14.21 32.59 8.74
C ILE B 359 -13.57 33.12 10.04
N GLY B 360 -13.25 32.21 10.96
CA GLY B 360 -12.63 32.58 12.24
C GLY B 360 -11.11 32.61 12.24
N ASP B 361 -10.48 31.79 11.41
CA ASP B 361 -9.04 31.58 11.52
C ASP B 361 -8.43 31.14 10.20
N ILE B 362 -7.38 31.84 9.79
CA ILE B 362 -6.58 31.41 8.67
C ILE B 362 -5.16 31.07 9.16
N ARG B 363 -4.71 29.87 8.79
CA ARG B 363 -3.47 29.31 9.33
C ARG B 363 -2.82 28.48 8.25
N GLY B 364 -1.53 28.24 8.38
CA GLY B 364 -0.84 27.33 7.44
C GLY B 364 0.52 27.79 7.00
N ARG B 365 1.20 26.93 6.23
CA ARG B 365 2.50 27.28 5.67
C ARG B 365 2.49 26.86 4.22
N GLY B 366 3.13 27.66 3.37
CA GLY B 366 3.15 27.37 1.94
C GLY B 366 1.75 27.05 1.41
N LEU B 367 1.67 25.95 0.67
CA LEU B 367 0.41 25.50 0.10
C LEU B 367 -0.24 24.40 0.94
N ALA B 368 -0.08 24.53 2.25
CA ALA B 368 -0.83 23.79 3.21
C ALA B 368 -1.56 24.80 4.09
N CYS B 369 -2.81 25.10 3.75
CA CYS B 369 -3.58 26.12 4.47
C CYS B 369 -4.92 25.60 5.03
N GLY B 370 -5.30 26.16 6.18
CA GLY B 370 -6.54 25.81 6.85
C GLY B 370 -7.40 27.04 7.10
N MET B 371 -8.70 26.90 6.89
CA MET B 371 -9.62 27.95 7.25
C MET B 371 -10.72 27.40 8.14
N GLU B 372 -10.74 27.85 9.39
CA GLU B 372 -11.70 27.41 10.38
C GLU B 372 -12.94 28.29 10.36
N LEU B 373 -14.09 27.63 10.29
CA LEU B 373 -15.37 28.29 10.26
C LEU B 373 -16.08 28.10 11.59
N VAL B 374 -16.67 29.18 12.10
CA VAL B 374 -17.20 29.21 13.46
C VAL B 374 -18.56 29.87 13.54
N CYS B 375 -19.34 29.49 14.55
CA CYS B 375 -20.65 30.10 14.80
C CYS B 375 -20.57 31.53 15.34
N ASP B 376 -19.48 31.85 16.05
CA ASP B 376 -19.24 33.19 16.57
C ASP B 376 -17.74 33.38 16.72
N ARG B 377 -17.22 34.50 16.21
CA ARG B 377 -15.78 34.79 16.26
C ARG B 377 -15.18 34.90 17.69
N GLN B 378 -16.03 35.18 18.68
CA GLN B 378 -15.58 35.29 20.07
C GLN B 378 -15.57 33.95 20.82
N SER B 379 -16.70 33.24 20.76
CA SER B 379 -16.82 31.93 21.40
C SER B 379 -15.99 30.90 20.66
N ARG B 380 -15.81 31.13 19.35
CA ARG B 380 -15.11 30.20 18.45
C ARG B 380 -15.74 28.80 18.47
N GLU B 381 -17.08 28.75 18.43
CA GLU B 381 -17.83 27.51 18.40
C GLU B 381 -17.88 27.00 16.96
N PRO B 382 -17.63 25.70 16.75
CA PRO B 382 -17.55 25.10 15.39
C PRO B 382 -18.85 25.13 14.56
N ALA B 383 -18.73 25.64 13.33
CA ALA B 383 -19.84 25.66 12.39
C ALA B 383 -19.79 24.46 11.44
N ARG B 384 -20.20 23.30 11.93
CA ARG B 384 -20.11 22.05 11.16
C ARG B 384 -21.04 21.99 9.94
N ALA B 385 -22.30 22.37 10.15
CA ALA B 385 -23.33 22.26 9.12
C ALA B 385 -23.07 23.21 7.97
N GLU B 386 -22.56 24.40 8.29
CA GLU B 386 -22.27 25.39 7.26
C GLU B 386 -21.05 24.99 6.38
N THR B 387 -20.06 24.34 6.99
CA THR B 387 -18.88 23.83 6.29
C THR B 387 -19.23 22.81 5.23
N ALA B 388 -20.02 21.81 5.63
CA ALA B 388 -20.53 20.79 4.72
C ALA B 388 -21.32 21.41 3.57
N LYS B 389 -22.17 22.38 3.89
CA LYS B 389 -22.96 23.03 2.83
C LYS B 389 -22.06 23.84 1.92
N LEU B 390 -21.03 24.45 2.50
CA LEU B 390 -20.05 25.27 1.76
C LEU B 390 -19.33 24.48 0.67
N ILE B 391 -18.76 23.32 1.03
CA ILE B 391 -17.92 22.57 0.09
C ILE B 391 -18.77 21.91 -1.00
N TYR B 392 -19.96 21.45 -0.60
CA TYR B 392 -20.99 20.97 -1.52
C TYR B 392 -21.36 22.04 -2.57
N ARG B 393 -21.63 23.27 -2.11
CA ARG B 393 -21.92 24.39 -3.00
C ARG B 393 -20.70 24.73 -3.83
N ALA B 394 -19.53 24.80 -3.18
CA ALA B 394 -18.28 25.04 -3.90
C ALA B 394 -18.14 24.04 -5.07
N TYR B 395 -18.38 22.77 -4.78
CA TYR B 395 -18.29 21.76 -5.81
C TYR B 395 -19.25 22.09 -6.98
N GLN B 396 -20.51 22.44 -6.66
CA GLN B 396 -21.51 22.79 -7.68
C GLN B 396 -21.07 23.93 -8.56
N LEU B 397 -20.29 24.85 -7.98
CA LEU B 397 -19.76 25.99 -8.70
C LEU B 397 -18.46 25.71 -9.45
N GLY B 398 -17.88 24.52 -9.24
CA GLY B 398 -16.63 24.16 -9.92
C GLY B 398 -15.35 24.27 -9.08
N LEU B 399 -15.47 24.10 -7.76
CA LEU B 399 -14.31 24.15 -6.90
C LEU B 399 -14.27 22.92 -6.03
N VAL B 400 -13.23 22.10 -6.16
CA VAL B 400 -13.05 20.95 -5.28
C VAL B 400 -12.22 21.32 -4.03
N VAL B 401 -12.89 21.33 -2.89
CA VAL B 401 -12.26 21.54 -1.58
C VAL B 401 -12.97 20.65 -0.57
N TYR B 402 -12.20 20.04 0.33
CA TYR B 402 -12.78 19.19 1.37
C TYR B 402 -12.58 19.84 2.73
N TYR B 403 -13.33 19.39 3.73
CA TYR B 403 -13.11 19.86 5.09
C TYR B 403 -12.53 18.74 5.91
N VAL B 404 -11.94 19.14 7.02
CA VAL B 404 -11.23 18.24 7.90
C VAL B 404 -11.48 18.73 9.34
N GLY B 405 -10.90 18.02 10.32
CA GLY B 405 -10.88 18.52 11.69
C GLY B 405 -11.82 17.77 12.59
N MET B 406 -11.63 17.99 13.89
CA MET B 406 -12.36 17.34 14.98
C MET B 406 -13.87 17.60 14.91
N ASN B 407 -14.23 18.85 14.61
CA ASN B 407 -15.64 19.23 14.56
C ASN B 407 -16.19 19.43 13.14
N GLY B 408 -15.41 18.98 12.16
CA GLY B 408 -15.81 19.05 10.75
C GLY B 408 -16.01 20.49 10.27
N ASN B 409 -15.26 21.42 10.83
CA ASN B 409 -15.43 22.83 10.56
C ASN B 409 -14.20 23.50 9.95
N VAL B 410 -13.29 22.72 9.38
CA VAL B 410 -12.04 23.30 8.89
C VAL B 410 -11.84 22.97 7.42
N LEU B 411 -11.84 24.01 6.59
CA LEU B 411 -11.52 23.90 5.18
C LEU B 411 -10.02 23.73 4.98
N GLU B 412 -9.66 22.77 4.13
CA GLU B 412 -8.27 22.39 3.91
C GLU B 412 -7.86 22.64 2.47
N PHE B 413 -6.80 23.42 2.30
CA PHE B 413 -6.31 23.80 0.97
C PHE B 413 -4.92 23.25 0.80
N THR B 414 -4.81 22.21 -0.03
CA THR B 414 -3.53 21.60 -0.34
C THR B 414 -3.47 21.37 -1.82
N PRO B 415 -3.41 22.46 -2.61
CA PRO B 415 -3.45 22.39 -4.07
C PRO B 415 -2.18 21.80 -4.70
N PRO B 416 -2.28 21.32 -5.96
CA PRO B 416 -1.05 21.02 -6.67
C PRO B 416 -0.05 22.14 -6.48
N LEU B 417 1.22 21.79 -6.30
CA LEU B 417 2.26 22.81 -6.05
C LEU B 417 2.54 23.63 -7.29
N THR B 418 2.07 23.13 -8.43
CA THR B 418 2.24 23.79 -9.69
C THR B 418 1.02 24.62 -10.11
N ILE B 419 0.07 24.78 -9.18
CA ILE B 419 -1.11 25.61 -9.40
C ILE B 419 -0.70 27.04 -9.82
N THR B 420 -1.34 27.59 -10.84
CA THR B 420 -1.02 28.95 -11.29
C THR B 420 -1.76 30.00 -10.46
N GLU B 421 -1.24 31.22 -10.41
CA GLU B 421 -1.87 32.36 -9.75
C GLU B 421 -3.29 32.64 -10.29
N THR B 422 -3.45 32.51 -11.61
CA THR B 422 -4.74 32.62 -12.27
C THR B 422 -5.76 31.60 -11.75
N ASP B 423 -5.33 30.35 -11.52
CA ASP B 423 -6.20 29.30 -10.92
C ASP B 423 -6.62 29.70 -9.50
N ILE B 424 -5.70 30.31 -8.75
CA ILE B 424 -5.91 30.69 -7.34
C ILE B 424 -6.92 31.84 -7.26
N HIS B 425 -6.78 32.85 -8.13
CA HIS B 425 -7.74 33.94 -8.20
C HIS B 425 -9.12 33.41 -8.55
N LYS B 426 -9.18 32.55 -9.57
CA LYS B 426 -10.44 31.94 -9.94
C LYS B 426 -11.02 31.14 -8.77
N ALA B 427 -10.17 30.38 -8.08
CA ALA B 427 -10.61 29.61 -6.92
C ALA B 427 -11.18 30.49 -5.81
N LEU B 428 -10.57 31.66 -5.61
CA LEU B 428 -11.02 32.61 -4.59
C LEU B 428 -12.39 33.22 -4.94
N ASP B 429 -12.58 33.53 -6.22
CA ASP B 429 -13.87 34.07 -6.66
C ASP B 429 -14.98 33.03 -6.49
N LEU B 430 -14.68 31.78 -6.83
CA LEU B 430 -15.67 30.70 -6.67
C LEU B 430 -15.99 30.42 -5.20
N LEU B 431 -14.99 30.62 -4.35
CA LEU B 431 -15.10 30.39 -2.92
C LEU B 431 -15.95 31.49 -2.30
N ASP B 432 -15.73 32.72 -2.74
CA ASP B 432 -16.49 33.89 -2.32
C ASP B 432 -17.96 33.69 -2.69
N ARG B 433 -18.19 33.22 -3.90
CA ARG B 433 -19.51 32.91 -4.42
C ARG B 433 -20.14 31.79 -3.60
N ALA B 434 -19.33 30.82 -3.16
CA ALA B 434 -19.87 29.69 -2.39
C ALA B 434 -20.26 30.06 -0.95
N PHE B 435 -19.54 31.02 -0.39
CA PHE B 435 -19.90 31.58 0.90
C PHE B 435 -21.23 32.36 0.84
N SER B 436 -21.42 33.08 -0.25
CA SER B 436 -22.63 33.88 -0.42
C SER B 436 -23.83 33.01 -0.73
N GLU B 437 -23.60 31.87 -1.38
CA GLU B 437 -24.69 31.06 -1.94
C GLU B 437 -24.92 29.75 -1.20
N LEU B 438 -24.48 29.73 0.05
CA LEU B 438 -24.41 28.54 0.87
C LEU B 438 -25.79 28.01 1.25
N SER B 439 -26.71 28.93 1.56
CA SER B 439 -28.04 28.55 2.01
C SER B 439 -28.83 27.79 0.95
N ALA B 440 -28.41 27.88 -0.31
CA ALA B 440 -29.02 27.12 -1.39
C ALA B 440 -29.00 25.62 -1.17
N VAL B 441 -28.07 25.15 -0.34
CA VAL B 441 -27.89 23.71 -0.12
C VAL B 441 -28.84 23.16 0.95
N SER B 442 -29.76 22.29 0.53
CA SER B 442 -30.71 21.67 1.45
C SER B 442 -30.04 20.65 2.37
N ASN B 443 -30.60 20.48 3.56
CA ASN B 443 -30.12 19.49 4.52
C ASN B 443 -30.22 18.04 4.01
N GLU B 444 -31.13 17.79 3.07
CA GLU B 444 -31.30 16.45 2.53
C GLU B 444 -30.28 16.14 1.45
N GLU B 445 -29.82 17.17 0.73
CA GLU B 445 -28.69 17.06 -0.20
C GLU B 445 -27.40 16.69 0.54
N ILE B 446 -27.19 17.34 1.68
CA ILE B 446 -26.01 17.09 2.53
C ILE B 446 -26.02 15.71 3.21
N ALA B 447 -27.22 15.24 3.59
CA ALA B 447 -27.37 13.94 4.24
C ALA B 447 -27.14 12.76 3.31
N GLN B 448 -27.03 13.01 2.00
CA GLN B 448 -26.69 11.97 1.02
C GLN B 448 -25.24 11.52 1.19
N PHE B 449 -24.44 12.34 1.87
CA PHE B 449 -23.00 12.15 1.91
C PHE B 449 -22.51 12.10 3.35
N ALA B 450 -22.07 10.92 3.76
CA ALA B 450 -21.66 10.64 5.14
C ALA B 450 -20.46 11.46 5.64
N GLY B 451 -19.60 11.91 4.73
CA GLY B 451 -18.33 12.53 5.06
C GLY B 451 -17.47 11.59 5.91
N TRP B 452 -16.82 12.18 6.93
CA TRP B 452 -16.04 11.43 7.90
C TRP B 452 -16.86 10.52 8.82
#